data_8EOJ
#
_entry.id   8EOJ
#
_cell.length_a   1.00
_cell.length_b   1.00
_cell.length_c   1.00
_cell.angle_alpha   90.00
_cell.angle_beta   90.00
_cell.angle_gamma   90.00
#
_symmetry.space_group_name_H-M   'P 1'
#
loop_
_entity.id
_entity.type
_entity.pdbx_description
1 polymer 'Protein disulfide-isomerase'
2 polymer 'Microsomal triglyceride transfer protein large subunit'
#
loop_
_entity_poly.entity_id
_entity_poly.type
_entity_poly.pdbx_seq_one_letter_code
_entity_poly.pdbx_strand_id
1 'polypeptide(L)'
;MLRRALLCLAVAALVRADAPEEEDHVLVLRKSNFAEALAAHKYLLVEFYAPWCGHCKALAPEYAKAAGKLKAEGSEIRLA
KVDATEESDLAQQYGVRGYPTIKFFRNGDTASPKEYTAGREADDIVNWLKKRTGPAATTLPDGAAAESLVESSEVAVIGF
FKDVESDSAKQFLQAAEAIDDIPFGITSNSDVFSKYQLDKDGVVLFKKFDEGRNNFEGEVTKENLLDFIKHNQLPLVIEF
TEQTAPKIFGGEIKTHILLFLPKSVSDYDGKLSNFKTAAESFKGKILFIFIDSDHTDNQRILEFFGLKKEECPAVRLITL
EEEMTKYKPESEELTAERITEFCHRFLEGKIKPHLMSQELPEDWDKQPVKVLVGKNFEDVAFDEKKNVFVEFYAPWCGHC
KQLAPIWDKLGETYKDHENIVIAKMDSTANEVEAVKVHSFPTLKFFPASADRTVIDYNGERTLDGFKKFLESGGQDGAGD
DDDLEDLEEAEEPDMEEDDDQKAVKDEL
;
A
2 'polypeptide(L)'
;MILLAVLFLCFISSYSASVKGHTTGLSLNNDRLYKLTYSTEVLLDRGKGKLQDSVGYRISSNVDVALLWRNPDGDDDQLI
QITMKDVNVENVNQQRGEKSIFKGKSPSKIMGKENLEALQRPTLLHLIHGKVKEFYSYQNEAVAIENIKRGLASLFQTQL
SSGTTNEVDISGNCKVTYQAHQDKVIKIKALDSCKIARSGFTTPNQVLGVSSKATSVTTYKIEDSFVIAVLAEETHNFGL
NFLQTIKGKIVSKQKLELKTTEAGPRLMSGKQAAAIIKAVDSKYTAIPIVGQVFQSHCKGCPSLSELWRSTRKYLQPDNL
SKAEAVRNFLAFIQHLRTAKKEEILQILKMENKEVLPQLVDAVTSAQTSDSLEAILDFLDFKSDSSIILQERFLYACGFA
SHPNEELLRALISKFKGSIGSSDIRETVMIITGTLVRKLCQNEGCKLKAVVEAKKLILGGLEKAEKKEDTRMYLLALKNA
LLPEGIPSLLKYAEAGEGPISHLATTALQRYDLPFITDEVKKTLNRIYHQNRKVHEKTVRTAAAAIILNNNPSYMDVKNI
LLSIGELPQEMNKYMLAIVQDILRFEMPASKIVRRVLKEMVAHNYDRFSRSGSSSAYTGYIERSPRSASTYSLDILYSGS
GILRRSNLNIFQYIGKAGLHGSQVVIEAQGLEALIAATPDEGEENLDSYAGMSAILFDVQLRPVTFFNGYSDLMSKMLSA
SGDPISVVKGLILLIDHSQELQLQSGLKANIEVQGGLAIDISGAMEFSLWYRESKTRVKNRVTVVITTDITVDSSFVKAG
LETSTETEAGLEFISTVQFSQYPFLVCMQMDKDEAPFRQFEKKYERLSTGRGYVSQKRKESVLAGCEFPLHQENSEMCKV
VFAPQPDSTSSGWF
;
B
#
# COMPACT_ATOMS: atom_id res chain seq x y z
N PRO A 20 26.59 30.12 26.10
CA PRO A 20 26.95 29.05 25.15
C PRO A 20 27.85 28.00 25.78
N GLU A 21 27.65 26.74 25.41
CA GLU A 21 28.46 25.65 25.95
C GLU A 21 29.85 25.67 25.33
N GLU A 22 30.87 25.61 26.17
CA GLU A 22 32.26 25.59 25.72
C GLU A 22 32.89 24.26 26.12
N GLU A 23 33.44 23.57 25.12
CA GLU A 23 34.12 22.29 25.34
C GLU A 23 35.42 22.30 24.55
N ASP A 24 36.54 22.19 25.27
CA ASP A 24 37.90 22.29 24.69
C ASP A 24 38.07 23.60 23.91
N HIS A 25 37.56 24.69 24.51
CA HIS A 25 37.57 26.04 23.93
C HIS A 25 36.83 26.10 22.60
N VAL A 26 35.83 25.24 22.42
CA VAL A 26 34.98 25.25 21.23
C VAL A 26 33.56 25.55 21.69
N LEU A 27 32.96 26.60 21.15
CA LEU A 27 31.56 26.88 21.42
C LEU A 27 30.67 25.84 20.75
N VAL A 28 29.64 25.41 21.44
CA VAL A 28 28.67 24.45 20.92
C VAL A 28 27.37 25.20 20.68
N LEU A 29 26.89 25.18 19.45
CA LEU A 29 25.74 25.96 19.04
C LEU A 29 24.61 25.02 18.63
N ARG A 30 23.44 25.21 19.25
CA ARG A 30 22.25 24.39 19.01
C ARG A 30 21.04 25.27 18.74
N LYS A 31 21.21 26.27 17.87
CA LYS A 31 20.23 27.26 17.43
C LYS A 31 19.84 28.24 18.54
N SER A 32 20.30 28.04 19.77
CA SER A 32 20.00 28.95 20.86
C SER A 32 21.14 29.92 21.16
N ASN A 33 22.34 29.65 20.64
CA ASN A 33 23.49 30.50 20.88
C ASN A 33 24.29 30.81 19.62
N PHE A 34 23.92 30.21 18.47
CA PHE A 34 24.65 30.46 17.22
C PHE A 34 24.56 31.93 16.83
N ALA A 35 23.34 32.49 16.85
CA ALA A 35 23.18 33.93 16.59
C ALA A 35 23.86 34.75 17.68
N GLU A 36 23.77 34.30 18.94
CA GLU A 36 24.44 34.98 20.03
C GLU A 36 25.96 34.93 19.89
N ALA A 37 26.50 33.77 19.49
CA ALA A 37 27.94 33.66 19.31
C ALA A 37 28.43 34.53 18.15
N LEU A 38 27.68 34.55 17.04
CA LEU A 38 28.12 35.35 15.90
C LEU A 38 27.95 36.85 16.14
N ALA A 39 26.93 37.26 16.90
CA ALA A 39 26.80 38.66 17.23
C ALA A 39 27.79 39.08 18.30
N ALA A 40 28.22 38.15 19.16
CA ALA A 40 29.18 38.47 20.20
C ALA A 40 30.61 38.33 19.68
N HIS A 41 30.97 37.14 19.21
CA HIS A 41 32.26 36.93 18.55
C HIS A 41 32.11 37.35 17.09
N LYS A 42 32.71 38.49 16.74
CA LYS A 42 32.71 38.94 15.35
C LYS A 42 33.47 37.95 14.47
N TYR A 43 34.61 37.48 14.94
CA TYR A 43 35.47 36.60 14.15
C TYR A 43 35.32 35.18 14.68
N LEU A 44 34.37 34.45 14.11
CA LEU A 44 34.06 33.09 14.56
C LEU A 44 34.06 32.14 13.38
N LEU A 45 34.75 31.02 13.52
CA LEU A 45 34.79 29.98 12.51
C LEU A 45 33.63 29.01 12.73
N VAL A 46 32.86 28.75 11.68
CA VAL A 46 31.63 27.96 11.75
C VAL A 46 31.89 26.59 11.13
N GLU A 47 31.32 25.55 11.74
CA GLU A 47 31.40 24.19 11.21
C GLU A 47 30.01 23.56 11.27
N PHE A 48 29.49 23.15 10.12
CA PHE A 48 28.19 22.48 10.04
C PHE A 48 28.42 20.97 9.94
N TYR A 49 28.82 20.37 11.05
CA TYR A 49 29.28 18.99 11.04
C TYR A 49 28.11 18.01 11.24
N ALA A 50 28.41 16.73 11.09
CA ALA A 50 27.46 15.63 11.20
C ALA A 50 28.02 14.54 12.11
N PRO A 51 27.16 13.79 12.80
CA PRO A 51 27.67 12.73 13.69
C PRO A 51 28.25 11.52 12.97
N TRP A 52 27.75 11.18 11.78
CA TRP A 52 28.20 9.97 11.10
C TRP A 52 29.38 10.17 10.16
N CYS A 53 29.62 11.42 9.73
CA CYS A 53 30.59 11.67 8.67
C CYS A 53 32.02 11.48 9.19
N GLY A 54 32.82 10.73 8.43
CA GLY A 54 34.20 10.53 8.81
C GLY A 54 35.04 11.78 8.62
N HIS A 55 34.64 12.63 7.68
CA HIS A 55 35.32 13.92 7.50
C HIS A 55 35.17 14.80 8.73
N CYS A 56 33.95 14.87 9.28
CA CYS A 56 33.75 15.58 10.53
C CYS A 56 34.45 14.90 11.69
N LYS A 57 34.51 13.55 11.67
CA LYS A 57 35.20 12.82 12.72
C LYS A 57 36.68 13.14 12.75
N ALA A 58 37.32 13.25 11.59
CA ALA A 58 38.72 13.66 11.54
C ALA A 58 38.89 15.15 11.78
N LEU A 59 37.90 15.96 11.42
CA LEU A 59 37.99 17.41 11.54
C LEU A 59 37.84 17.88 12.98
N ALA A 60 37.07 17.16 13.80
CA ALA A 60 36.80 17.59 15.17
C ALA A 60 38.04 17.71 16.06
N PRO A 61 38.99 16.74 16.09
CA PRO A 61 40.23 17.03 16.83
C PRO A 61 41.04 18.18 16.26
N GLU A 62 41.05 18.34 14.94
CA GLU A 62 41.74 19.47 14.33
C GLU A 62 41.03 20.78 14.65
N TYR A 63 39.68 20.75 14.69
CA TYR A 63 38.92 21.93 15.07
C TYR A 63 39.20 22.32 16.52
N ALA A 64 39.26 21.33 17.41
CA ALA A 64 39.58 21.59 18.81
C ALA A 64 41.01 22.11 18.97
N LYS A 65 41.95 21.57 18.19
CA LYS A 65 43.33 22.05 18.25
C LYS A 65 43.45 23.48 17.76
N ALA A 66 42.74 23.83 16.69
CA ALA A 66 42.77 25.20 16.19
C ALA A 66 42.09 26.16 17.16
N ALA A 67 41.01 25.71 17.81
CA ALA A 67 40.36 26.53 18.82
C ALA A 67 41.28 26.75 20.02
N GLY A 68 42.01 25.71 20.42
CA GLY A 68 42.97 25.87 21.50
C GLY A 68 44.14 26.77 21.13
N LYS A 69 44.59 26.69 19.89
CA LYS A 69 45.68 27.55 19.42
C LYS A 69 45.25 29.01 19.37
N LEU A 70 44.02 29.27 18.91
CA LEU A 70 43.52 30.64 18.89
C LEU A 70 43.24 31.15 20.29
N LYS A 71 42.71 30.29 21.16
CA LYS A 71 42.32 30.73 22.50
C LYS A 71 43.53 30.97 23.39
N ALA A 72 44.56 30.14 23.27
CA ALA A 72 45.78 30.34 24.06
C ALA A 72 46.53 31.59 23.61
N GLU A 73 46.42 31.94 22.33
CA GLU A 73 46.95 33.21 21.86
C GLU A 73 45.97 34.34 22.18
N GLY A 74 46.48 35.56 22.13
CA GLY A 74 45.66 36.72 22.45
C GLY A 74 44.92 37.27 21.25
N SER A 75 44.07 36.45 20.65
CA SER A 75 43.30 36.87 19.49
C SER A 75 41.82 36.61 19.73
N GLU A 76 40.99 37.50 19.20
CA GLU A 76 39.55 37.42 19.39
C GLU A 76 38.91 36.27 18.61
N ILE A 77 39.63 35.67 17.69
CA ILE A 77 39.06 34.64 16.82
C ILE A 77 39.02 33.32 17.56
N ARG A 78 37.96 32.55 17.35
CA ARG A 78 37.77 31.25 17.98
C ARG A 78 37.13 30.31 16.96
N LEU A 79 36.71 29.13 17.44
CA LEU A 79 36.09 28.12 16.59
C LEU A 79 34.85 27.57 17.28
N ALA A 80 33.89 27.13 16.46
CA ALA A 80 32.63 26.60 16.97
C ALA A 80 32.05 25.62 15.96
N LYS A 81 31.41 24.56 16.48
CA LYS A 81 30.84 23.51 15.66
C LYS A 81 29.33 23.45 15.83
N VAL A 82 28.63 23.20 14.73
CA VAL A 82 27.17 23.08 14.70
C VAL A 82 26.81 21.75 14.07
N ASP A 83 25.95 20.99 14.73
CA ASP A 83 25.47 19.73 14.18
C ASP A 83 24.41 20.04 13.12
N ALA A 84 24.82 20.02 11.85
CA ALA A 84 23.91 20.40 10.77
C ALA A 84 22.78 19.40 10.56
N THR A 85 22.93 18.16 11.04
CA THR A 85 21.86 17.18 10.92
C THR A 85 20.67 17.56 11.80
N GLU A 86 20.94 17.90 13.06
CA GLU A 86 19.88 18.29 13.99
C GLU A 86 19.52 19.76 13.88
N GLU A 87 20.32 20.56 13.17
CA GLU A 87 20.10 22.00 13.02
C GLU A 87 20.07 22.36 11.54
N SER A 88 19.25 21.64 10.78
CA SER A 88 19.20 21.77 9.33
C SER A 88 18.69 23.11 8.84
N ASP A 89 18.05 23.92 9.69
CA ASP A 89 17.58 25.23 9.26
C ASP A 89 18.72 26.18 8.94
N LEU A 90 19.83 26.09 9.71
CA LEU A 90 21.00 26.90 9.41
C LEU A 90 21.62 26.51 8.06
N ALA A 91 21.65 25.21 7.76
CA ALA A 91 22.16 24.78 6.47
C ALA A 91 21.22 25.16 5.34
N GLN A 92 19.91 25.15 5.59
CA GLN A 92 18.95 25.47 4.54
C GLN A 92 18.95 26.97 4.23
N GLN A 93 19.09 27.81 5.26
CA GLN A 93 19.10 29.25 5.04
C GLN A 93 20.38 29.70 4.33
N TYR A 94 21.53 29.22 4.81
CA TYR A 94 22.80 29.62 4.21
C TYR A 94 23.04 28.94 2.87
N GLY A 95 22.73 27.64 2.77
CA GLY A 95 22.99 26.91 1.55
C GLY A 95 24.12 25.91 1.72
N VAL A 96 24.29 25.40 2.95
CA VAL A 96 25.34 24.43 3.22
C VAL A 96 24.96 23.10 2.59
N ARG A 97 25.85 22.56 1.77
CA ARG A 97 25.62 21.29 1.08
C ARG A 97 26.61 20.21 1.46
N GLY A 98 27.57 20.50 2.33
CA GLY A 98 28.53 19.51 2.77
C GLY A 98 28.62 19.48 4.28
N TYR A 99 28.96 18.31 4.80
CA TYR A 99 29.13 18.11 6.24
C TYR A 99 30.47 18.59 6.79
N PRO A 100 31.63 18.44 6.10
CA PRO A 100 32.84 19.10 6.62
C PRO A 100 32.95 20.57 6.24
N THR A 101 31.85 21.21 5.85
CA THR A 101 31.86 22.60 5.43
C THR A 101 32.27 23.53 6.58
N ILE A 102 33.20 24.43 6.29
CA ILE A 102 33.71 25.40 7.25
C ILE A 102 33.42 26.79 6.72
N LYS A 103 32.84 27.65 7.56
CA LYS A 103 32.45 28.99 7.16
C LYS A 103 32.84 29.98 8.26
N PHE A 104 32.65 31.26 7.96
CA PHE A 104 32.99 32.33 8.90
C PHE A 104 32.14 33.55 8.57
N PHE A 105 31.39 34.03 9.56
CA PHE A 105 30.59 35.24 9.43
C PHE A 105 31.24 36.34 10.26
N ARG A 106 31.51 37.48 9.64
CA ARG A 106 32.18 38.59 10.32
C ARG A 106 31.25 39.27 11.33
N GLY A 108 30.85 42.36 8.47
CA GLY A 108 29.88 42.73 9.49
C GLY A 108 28.46 42.50 9.05
N ASP A 109 27.88 43.48 8.39
CA ASP A 109 26.52 43.32 7.89
C ASP A 109 26.49 42.16 6.91
N THR A 110 25.37 41.48 6.83
CA THR A 110 25.24 40.29 5.98
C THR A 110 26.14 40.15 4.75
N ALA A 111 26.98 39.14 4.73
CA ALA A 111 27.80 38.82 3.57
C ALA A 111 28.02 37.32 3.50
N SER A 112 28.39 36.86 2.31
CA SER A 112 28.66 35.44 2.12
C SER A 112 29.93 35.03 2.86
N PRO A 113 29.91 33.94 3.62
CA PRO A 113 31.11 33.50 4.33
C PRO A 113 32.19 33.02 3.36
N LYS A 114 33.44 33.11 3.81
CA LYS A 114 34.57 32.63 3.04
C LYS A 114 34.51 31.11 2.91
N GLU A 115 34.47 30.62 1.67
CA GLU A 115 34.39 29.19 1.41
C GLU A 115 35.73 28.55 1.74
N TYR A 116 35.82 27.95 2.92
CA TYR A 116 37.07 27.33 3.38
C TYR A 116 37.29 26.04 2.61
N THR A 117 38.29 26.05 1.72
CA THR A 117 38.63 24.88 0.92
C THR A 117 40.08 24.44 1.09
N ALA A 118 40.80 25.03 2.04
CA ALA A 118 42.21 24.70 2.25
C ALA A 118 42.31 23.47 3.16
N GLY A 119 43.54 23.17 3.60
CA GLY A 119 43.77 22.09 4.54
C GLY A 119 43.11 22.32 5.88
N ARG A 120 42.42 21.31 6.39
CA ARG A 120 41.58 21.48 7.57
C ARG A 120 42.32 21.34 8.90
N GLU A 121 43.64 21.51 8.92
CA GLU A 121 44.39 21.39 10.16
C GLU A 121 44.37 22.69 10.94
N ALA A 122 45.11 22.70 12.05
CA ALA A 122 45.05 23.84 12.98
C ALA A 122 45.89 25.01 12.49
N ASP A 123 47.19 24.76 12.23
CA ASP A 123 48.07 25.82 11.76
C ASP A 123 47.66 26.32 10.38
N ASP A 124 47.06 25.45 9.57
CA ASP A 124 46.49 25.89 8.30
C ASP A 124 45.35 26.87 8.50
N ILE A 125 44.51 26.63 9.51
CA ILE A 125 43.45 27.57 9.86
C ILE A 125 44.03 28.88 10.36
N VAL A 126 45.10 28.79 11.17
CA VAL A 126 45.77 29.98 11.69
C VAL A 126 46.34 30.84 10.56
N ASN A 127 46.94 30.19 9.56
CA ASN A 127 47.44 30.92 8.41
C ASN A 127 46.31 31.43 7.51
N TRP A 128 45.20 30.70 7.46
CA TRP A 128 44.11 31.05 6.55
C TRP A 128 43.28 32.23 7.05
N LEU A 129 43.12 32.36 8.37
CA LEU A 129 42.29 33.45 8.89
C LEU A 129 42.92 34.81 8.66
N LYS A 130 44.25 34.87 8.59
CA LYS A 130 44.94 36.15 8.36
C LYS A 130 44.60 36.71 6.98
N LYS A 131 44.39 35.83 5.99
CA LYS A 131 43.97 36.28 4.67
C LYS A 131 42.56 36.85 4.70
N ARG A 132 41.65 36.20 5.45
CA ARG A 132 40.27 36.66 5.49
C ARG A 132 40.08 37.88 6.36
N THR A 133 41.02 38.17 7.28
CA THR A 133 40.90 39.37 8.10
C THR A 133 41.17 40.63 7.28
N GLY A 134 41.99 40.53 6.24
CA GLY A 134 42.31 41.68 5.42
C GLY A 134 43.75 42.13 5.53
N ALA A 137 47.34 37.68 0.52
CA ALA A 137 48.71 37.52 0.06
C ALA A 137 49.62 37.09 1.20
N THR A 138 50.79 36.57 0.85
CA THR A 138 51.76 36.10 1.84
C THR A 138 53.14 36.60 1.43
N THR A 139 53.96 36.93 2.42
CA THR A 139 55.30 37.43 2.19
C THR A 139 56.33 36.51 2.86
N LEU A 140 57.40 36.23 2.13
CA LEU A 140 58.51 35.40 2.60
C LEU A 140 59.80 36.10 2.23
N PRO A 141 60.88 35.83 2.96
CA PRO A 141 62.20 36.35 2.55
C PRO A 141 62.61 35.81 1.19
N ASP A 142 63.27 36.65 0.40
CA ASP A 142 63.65 36.29 -0.96
C ASP A 142 64.75 35.25 -1.00
N GLY A 143 65.47 35.04 0.11
CA GLY A 143 66.50 34.03 0.16
C GLY A 143 65.99 32.66 0.56
N ALA A 144 64.88 32.24 -0.05
CA ALA A 144 64.31 30.92 0.19
C ALA A 144 64.77 29.89 -0.82
N ALA A 145 65.90 30.16 -1.50
CA ALA A 145 66.48 29.30 -2.55
C ALA A 145 65.50 29.06 -3.70
N ALA A 146 64.60 30.03 -3.93
CA ALA A 146 63.59 30.00 -4.99
C ALA A 146 62.72 28.75 -4.90
N GLU A 147 62.40 28.33 -3.68
CA GLU A 147 61.60 27.13 -3.45
C GLU A 147 60.33 27.41 -2.66
N SER A 148 60.42 28.15 -1.55
CA SER A 148 59.29 28.28 -0.65
C SER A 148 58.16 29.10 -1.27
N LEU A 149 58.51 30.20 -1.95
CA LEU A 149 57.49 31.07 -2.55
C LEU A 149 56.72 30.36 -3.65
N VAL A 150 57.40 29.54 -4.45
CA VAL A 150 56.74 28.90 -5.58
C VAL A 150 56.00 27.63 -5.13
N GLU A 151 56.60 26.81 -4.27
CA GLU A 151 56.00 25.55 -3.86
C GLU A 151 55.66 25.54 -2.37
N SER A 152 55.10 26.65 -1.87
CA SER A 152 54.51 26.63 -0.55
C SER A 152 53.32 25.69 -0.49
N SER A 153 52.50 25.66 -1.54
CA SER A 153 51.38 24.74 -1.63
C SER A 153 51.34 24.10 -3.00
N GLU A 154 50.24 23.42 -3.33
CA GLU A 154 50.15 22.74 -4.61
C GLU A 154 50.03 23.74 -5.76
N VAL A 155 49.15 24.72 -5.62
CA VAL A 155 48.99 25.79 -6.60
C VAL A 155 49.24 27.10 -5.88
N ALA A 156 50.42 27.69 -6.09
CA ALA A 156 50.80 28.95 -5.47
C ALA A 156 51.11 29.97 -6.55
N VAL A 157 50.47 31.14 -6.47
CA VAL A 157 50.62 32.21 -7.43
C VAL A 157 51.50 33.29 -6.82
N ILE A 158 52.48 33.78 -7.57
CA ILE A 158 53.36 34.85 -7.13
C ILE A 158 53.07 36.09 -7.96
N GLY A 159 52.76 37.20 -7.28
CA GLY A 159 52.46 38.44 -7.95
C GLY A 159 53.69 39.33 -8.02
N PHE A 160 54.07 39.68 -9.25
CA PHE A 160 55.26 40.47 -9.52
C PHE A 160 54.86 41.88 -9.92
N PHE A 161 55.40 42.86 -9.19
CA PHE A 161 55.14 44.28 -9.49
C PHE A 161 56.25 45.10 -8.87
N LYS A 162 56.87 45.98 -9.68
CA LYS A 162 57.94 46.82 -9.17
C LYS A 162 57.43 47.81 -8.13
N ASP A 163 56.25 48.37 -8.35
CA ASP A 163 55.58 49.22 -7.36
C ASP A 163 54.45 48.40 -6.76
N VAL A 164 54.71 47.77 -5.62
CA VAL A 164 53.70 46.95 -4.95
C VAL A 164 52.65 47.85 -4.30
N SER A 166 48.53 50.85 -7.08
CA SER A 166 48.59 51.94 -8.05
C SER A 166 47.40 51.89 -9.00
N ASP A 167 47.65 52.20 -10.28
CA ASP A 167 46.59 52.13 -11.27
C ASP A 167 46.20 50.70 -11.58
N SER A 168 47.20 49.83 -11.78
CA SER A 168 46.97 48.42 -12.04
C SER A 168 47.50 47.52 -10.93
N ALA A 169 48.49 47.97 -10.16
CA ALA A 169 49.01 47.18 -9.05
C ALA A 169 47.95 47.02 -7.96
N LYS A 170 47.18 48.07 -7.69
CA LYS A 170 46.09 47.96 -6.73
C LYS A 170 44.99 47.04 -7.24
N GLN A 171 44.74 47.03 -8.56
CA GLN A 171 43.79 46.11 -9.14
C GLN A 171 44.27 44.66 -8.99
N PHE A 172 45.57 44.43 -9.20
CA PHE A 172 46.15 43.11 -9.00
C PHE A 172 46.04 42.69 -7.53
N LEU A 173 46.26 43.63 -6.61
CA LEU A 173 46.13 43.34 -5.18
C LEU A 173 44.67 43.04 -4.81
N GLN A 174 43.73 43.75 -5.43
CA GLN A 174 42.31 43.47 -5.20
C GLN A 174 41.93 42.09 -5.71
N ALA A 175 42.47 41.70 -6.88
CA ALA A 175 42.26 40.35 -7.39
C ALA A 175 42.92 39.31 -6.48
N ALA A 176 44.06 39.65 -5.88
CA ALA A 176 44.72 38.76 -4.94
C ALA A 176 43.86 38.56 -3.69
N GLU A 177 43.27 39.64 -3.19
CA GLU A 177 42.41 39.55 -2.01
C GLU A 177 41.01 39.03 -2.34
N ALA A 178 40.67 38.90 -3.62
CA ALA A 178 39.35 38.41 -4.00
C ALA A 178 39.17 36.94 -3.64
N ILE A 179 40.21 36.13 -3.84
CA ILE A 179 40.14 34.70 -3.60
C ILE A 179 41.02 34.36 -2.41
N ASP A 180 40.42 33.84 -1.34
CA ASP A 180 41.17 33.51 -0.14
C ASP A 180 41.96 32.22 -0.27
N ASP A 181 41.45 31.25 -1.02
CA ASP A 181 42.07 29.92 -1.08
C ASP A 181 43.33 29.87 -1.94
N ILE A 182 43.61 30.92 -2.70
CA ILE A 182 44.80 30.97 -3.55
C ILE A 182 45.87 31.77 -2.82
N PRO A 183 47.04 31.19 -2.54
CA PRO A 183 48.09 31.92 -1.83
C PRO A 183 48.87 32.84 -2.75
N PHE A 184 48.35 34.04 -2.98
CA PHE A 184 49.02 35.02 -3.83
C PHE A 184 50.33 35.48 -3.19
N GLY A 185 51.28 35.86 -4.04
CA GLY A 185 52.60 36.26 -3.60
C GLY A 185 52.84 37.74 -3.81
N ILE A 186 53.77 38.29 -3.03
CA ILE A 186 54.18 39.68 -3.14
C ILE A 186 55.66 39.70 -3.55
N THR A 187 55.96 40.38 -4.64
CA THR A 187 57.32 40.49 -5.13
C THR A 187 57.66 41.95 -5.41
N SER A 188 58.75 42.43 -4.81
CA SER A 188 59.28 43.74 -5.13
C SER A 188 60.77 43.72 -5.43
N ASN A 189 61.47 42.63 -5.17
CA ASN A 189 62.90 42.54 -5.41
C ASN A 189 63.18 42.46 -6.90
N SER A 190 64.25 43.15 -7.33
CA SER A 190 64.54 43.26 -8.76
C SER A 190 65.01 41.95 -9.38
N ASP A 191 65.72 41.12 -8.61
CA ASP A 191 66.24 39.87 -9.15
C ASP A 191 65.13 38.86 -9.42
N VAL A 192 64.01 38.96 -8.68
CA VAL A 192 62.91 38.02 -8.87
C VAL A 192 62.22 38.25 -10.20
N PHE A 193 62.11 39.52 -10.65
CA PHE A 193 61.51 39.80 -11.95
C PHE A 193 62.32 39.19 -13.08
N SER A 194 63.64 39.30 -13.02
CA SER A 194 64.49 38.72 -14.06
C SER A 194 64.58 37.21 -13.95
N LYS A 195 64.55 36.66 -12.73
CA LYS A 195 64.64 35.22 -12.57
C LYS A 195 63.36 34.52 -13.02
N TYR A 196 62.24 35.22 -12.98
CA TYR A 196 60.99 34.69 -13.51
C TYR A 196 60.70 35.16 -14.94
N GLN A 197 61.62 35.92 -15.53
CA GLN A 197 61.65 36.26 -16.95
C GLN A 197 60.36 36.99 -17.38
N LEU A 198 60.20 38.19 -16.82
CA LEU A 198 59.07 39.05 -17.16
C LEU A 198 59.59 40.43 -17.50
N ASP A 199 59.34 40.87 -18.75
CA ASP A 199 59.72 42.21 -19.15
C ASP A 199 58.83 43.25 -18.50
N LYS A 200 57.52 43.03 -18.52
CA LYS A 200 56.54 43.88 -17.89
C LYS A 200 55.83 43.11 -16.79
N ASP A 201 54.91 43.79 -16.10
CA ASP A 201 54.18 43.17 -15.01
C ASP A 201 53.17 42.15 -15.55
N GLY A 202 53.00 41.05 -14.81
CA GLY A 202 52.09 40.01 -15.23
C GLY A 202 51.77 39.05 -14.10
N VAL A 203 50.81 38.17 -14.38
CA VAL A 203 50.34 37.17 -13.42
C VAL A 203 50.60 35.79 -14.00
N VAL A 204 51.32 34.96 -13.23
CA VAL A 204 51.67 33.61 -13.65
C VAL A 204 51.16 32.64 -12.60
N LEU A 205 50.46 31.59 -13.04
CA LEU A 205 49.97 30.54 -12.16
C LEU A 205 50.94 29.37 -12.17
N PHE A 206 51.33 28.92 -10.98
CA PHE A 206 52.28 27.82 -10.83
C PHE A 206 51.58 26.62 -10.19
N LYS A 207 51.96 25.43 -10.64
CA LYS A 207 51.40 24.19 -10.13
C LYS A 207 52.49 23.12 -10.13
N LYS A 208 52.10 21.91 -9.72
CA LYS A 208 53.04 20.79 -9.62
C LYS A 208 52.58 19.56 -10.38
N PHE A 209 51.48 19.65 -11.14
CA PHE A 209 50.94 18.48 -11.82
C PHE A 209 50.98 18.58 -13.33
N ASP A 210 50.48 19.67 -13.91
CA ASP A 210 50.30 19.76 -15.36
C ASP A 210 51.47 20.43 -16.07
N GLU A 211 51.70 21.71 -15.80
CA GLU A 211 52.75 22.43 -16.51
C GLU A 211 53.72 23.14 -15.60
N GLY A 212 53.25 23.71 -14.49
CA GLY A 212 54.10 24.39 -13.53
C GLY A 212 54.24 25.88 -13.74
N ARG A 213 53.86 26.39 -14.92
CA ARG A 213 53.99 27.80 -15.22
C ARG A 213 53.05 28.15 -16.36
N ASN A 214 52.23 29.18 -16.14
CA ASN A 214 51.27 29.62 -17.16
C ASN A 214 51.16 31.15 -17.08
N ASN A 215 51.90 31.84 -17.95
CA ASN A 215 51.88 33.29 -17.98
C ASN A 215 50.59 33.79 -18.61
N PHE A 216 50.05 34.88 -18.05
CA PHE A 216 48.83 35.48 -18.57
C PHE A 216 49.10 36.19 -19.89
N THR A 221 38.68 44.32 -17.86
CA THR A 221 37.63 43.32 -17.84
C THR A 221 37.35 42.88 -16.40
N LYS A 222 38.42 42.76 -15.62
CA LYS A 222 38.45 42.42 -14.20
C LYS A 222 37.94 41.00 -13.91
N GLU A 223 37.71 40.17 -14.93
CA GLU A 223 37.33 38.78 -14.74
C GLU A 223 38.13 37.81 -15.58
N ASN A 224 38.83 38.29 -16.63
CA ASN A 224 39.63 37.40 -17.45
C ASN A 224 40.81 36.81 -16.69
N LEU A 225 41.38 37.58 -15.76
CA LEU A 225 42.47 37.04 -14.93
C LEU A 225 41.97 35.92 -14.03
N LEU A 226 40.79 36.08 -13.42
CA LEU A 226 40.21 35.03 -12.59
C LEU A 226 39.86 33.80 -13.43
N ASP A 227 39.33 34.02 -14.63
CA ASP A 227 39.03 32.91 -15.53
C ASP A 227 40.30 32.17 -15.95
N PHE A 228 41.38 32.92 -16.21
CA PHE A 228 42.66 32.33 -16.58
C PHE A 228 43.22 31.49 -15.43
N ILE A 229 43.17 32.02 -14.21
CA ILE A 229 43.70 31.30 -13.05
C ILE A 229 42.88 30.05 -12.77
N LYS A 230 41.54 30.14 -12.88
CA LYS A 230 40.70 28.99 -12.64
C LYS A 230 40.84 27.94 -13.74
N HIS A 231 41.09 28.38 -14.98
CA HIS A 231 41.26 27.43 -16.08
C HIS A 231 42.60 26.70 -15.99
N ASN A 232 43.68 27.44 -15.72
CA ASN A 232 44.99 26.81 -15.64
C ASN A 232 45.20 26.03 -14.35
N GLN A 233 44.46 26.36 -13.28
CA GLN A 233 44.57 25.60 -12.05
C GLN A 233 43.95 24.22 -12.17
N LEU A 234 42.96 24.07 -13.05
CA LEU A 234 42.20 22.83 -13.17
C LEU A 234 43.07 21.72 -13.76
N PRO A 235 43.23 20.59 -13.07
CA PRO A 235 43.96 19.46 -13.68
C PRO A 235 43.16 18.82 -14.80
N LEU A 236 43.89 18.29 -15.78
CA LEU A 236 43.24 17.67 -16.93
C LEU A 236 42.62 16.33 -16.56
N VAL A 237 43.36 15.49 -15.84
CA VAL A 237 42.93 14.15 -15.49
C VAL A 237 42.93 14.01 -13.97
N ILE A 238 41.92 13.33 -13.45
CA ILE A 238 41.74 13.14 -12.01
C ILE A 238 41.67 11.65 -11.72
N GLU A 239 42.51 11.19 -10.80
CA GLU A 239 42.36 9.84 -10.27
C GLU A 239 41.14 9.80 -9.36
N PHE A 240 40.26 8.83 -9.59
CA PHE A 240 38.99 8.74 -8.85
C PHE A 240 39.28 8.20 -7.45
N THR A 241 39.21 9.08 -6.45
CA THR A 241 39.40 8.71 -5.05
C THR A 241 38.34 9.39 -4.21
N GLU A 242 38.32 9.04 -2.92
CA GLU A 242 37.38 9.64 -1.98
C GLU A 242 37.63 11.13 -1.82
N GLN A 243 38.91 11.52 -1.73
CA GLN A 243 39.25 12.91 -1.45
C GLN A 243 38.90 13.81 -2.63
N THR A 244 39.15 13.33 -3.85
CA THR A 244 38.91 14.16 -5.03
C THR A 244 37.42 14.29 -5.35
N ALA A 245 36.61 13.32 -4.92
CA ALA A 245 35.19 13.20 -5.25
C ALA A 245 34.34 14.43 -4.93
N PRO A 246 34.43 15.07 -3.75
CA PRO A 246 33.58 16.27 -3.55
C PRO A 246 33.94 17.44 -4.45
N LYS A 247 35.21 17.58 -4.82
CA LYS A 247 35.58 18.65 -5.73
C LYS A 247 35.11 18.38 -7.16
N ILE A 248 34.92 17.11 -7.50
CA ILE A 248 34.48 16.74 -8.84
C ILE A 248 33.06 17.24 -9.09
N PHE A 249 32.15 16.95 -8.15
CA PHE A 249 30.77 17.40 -8.27
C PHE A 249 30.57 18.81 -7.74
N GLY A 250 31.58 19.37 -7.06
CA GLY A 250 31.46 20.74 -6.60
C GLY A 250 31.47 21.74 -7.73
N GLY A 251 32.27 21.50 -8.76
CA GLY A 251 32.35 22.40 -9.90
C GLY A 251 31.11 22.38 -10.77
N THR A 255 29.19 16.03 -16.60
CA THR A 255 29.79 15.40 -17.78
C THR A 255 31.20 14.93 -17.47
N HIS A 256 31.31 13.83 -16.72
CA HIS A 256 32.59 13.27 -16.32
C HIS A 256 32.88 12.07 -17.22
N ILE A 257 33.65 12.28 -18.28
CA ILE A 257 33.99 11.18 -19.18
C ILE A 257 34.95 10.24 -18.46
N LEU A 258 34.50 9.02 -18.20
CA LEU A 258 35.26 8.07 -17.42
C LEU A 258 36.15 7.20 -18.30
N LEU A 259 37.00 6.42 -17.65
CA LEU A 259 37.84 5.44 -18.32
C LEU A 259 38.20 4.38 -17.29
N PHE A 260 37.62 3.18 -17.45
CA PHE A 260 37.85 2.09 -16.50
C PHE A 260 39.17 1.38 -16.80
N LEU A 261 40.23 2.17 -16.81
CA LEU A 261 41.54 1.68 -17.18
C LEU A 261 42.20 1.01 -15.98
N PRO A 262 42.55 -0.27 -16.07
CA PRO A 262 43.33 -0.90 -15.00
C PRO A 262 44.70 -0.26 -14.88
N LYS A 263 45.18 -0.13 -13.64
CA LYS A 263 46.51 0.42 -13.42
C LYS A 263 47.60 -0.54 -13.90
N SER A 264 47.31 -1.84 -13.90
CA SER A 264 48.23 -2.86 -14.39
C SER A 264 47.88 -3.34 -15.81
N VAL A 265 47.15 -2.52 -16.57
CA VAL A 265 46.77 -2.91 -17.92
C VAL A 265 47.99 -2.80 -18.84
N SER A 266 47.89 -3.45 -20.00
CA SER A 266 48.93 -3.34 -21.01
C SER A 266 48.97 -1.93 -21.58
N ASP A 267 50.16 -1.32 -21.52
CA ASP A 267 50.39 0.07 -21.91
C ASP A 267 49.44 1.01 -21.17
N TYR A 268 49.52 0.97 -19.83
CA TYR A 268 48.78 1.90 -19.00
C TYR A 268 49.25 3.33 -19.26
N ASP A 269 50.56 3.51 -19.43
CA ASP A 269 51.12 4.84 -19.70
C ASP A 269 50.64 5.39 -21.03
N GLY A 270 50.61 4.55 -22.07
CA GLY A 270 50.15 5.02 -23.37
C GLY A 270 48.67 5.36 -23.40
N LYS A 271 47.84 4.52 -22.78
CA LYS A 271 46.41 4.81 -22.69
C LYS A 271 46.16 6.06 -21.86
N LEU A 272 46.91 6.23 -20.77
CA LEU A 272 46.77 7.42 -19.95
C LEU A 272 47.24 8.67 -20.68
N SER A 273 48.28 8.55 -21.52
CA SER A 273 48.72 9.69 -22.31
C SER A 273 47.70 10.06 -23.39
N ASN A 274 47.06 9.05 -24.00
CA ASN A 274 45.98 9.31 -24.93
C ASN A 274 44.80 9.99 -24.23
N PHE A 275 44.50 9.55 -23.01
CA PHE A 275 43.43 10.18 -22.23
C PHE A 275 43.79 11.62 -21.88
N LYS A 276 45.06 11.88 -21.54
CA LYS A 276 45.51 13.23 -21.25
C LYS A 276 45.42 14.13 -22.49
N THR A 277 45.80 13.60 -23.65
CA THR A 277 45.68 14.37 -24.89
C THR A 277 44.23 14.62 -25.26
N ALA A 278 43.35 13.68 -24.93
CA ALA A 278 41.91 13.90 -25.07
C ALA A 278 41.43 14.99 -24.12
N ALA A 279 41.94 15.00 -22.89
CA ALA A 279 41.54 15.98 -21.90
C ALA A 279 42.03 17.38 -22.26
N GLU A 280 43.16 17.47 -22.97
CA GLU A 280 43.64 18.77 -23.42
C GLU A 280 42.69 19.41 -24.43
N SER A 281 41.94 18.59 -25.17
CA SER A 281 40.98 19.15 -26.12
C SER A 281 39.77 19.75 -25.43
N PHE A 282 39.33 19.15 -24.33
CA PHE A 282 38.15 19.60 -23.60
C PHE A 282 38.50 19.61 -22.11
N LYS A 283 38.73 20.80 -21.56
CA LYS A 283 39.24 20.95 -20.21
C LYS A 283 38.15 21.30 -19.21
N GLY A 284 37.42 22.38 -19.44
CA GLY A 284 36.45 22.86 -18.47
C GLY A 284 35.03 22.38 -18.69
N LYS A 285 34.61 22.27 -19.95
CA LYS A 285 33.24 21.85 -20.24
C LYS A 285 33.03 20.38 -19.90
N ILE A 286 33.99 19.53 -20.24
CA ILE A 286 33.92 18.09 -19.95
C ILE A 286 35.11 17.73 -19.06
N LEU A 287 34.82 17.10 -17.93
CA LEU A 287 35.86 16.72 -16.98
C LEU A 287 36.31 15.29 -17.24
N PHE A 288 37.62 15.09 -17.29
CA PHE A 288 38.20 13.78 -17.59
C PHE A 288 38.67 13.13 -16.30
N ILE A 289 38.15 11.94 -16.02
CA ILE A 289 38.50 11.18 -14.83
C ILE A 289 38.93 9.79 -15.27
N PHE A 290 40.10 9.35 -14.82
CA PHE A 290 40.54 7.98 -15.02
C PHE A 290 40.40 7.23 -13.71
N ILE A 291 39.79 6.04 -13.77
CA ILE A 291 39.46 5.25 -12.59
C ILE A 291 40.04 3.86 -12.76
N ASP A 292 40.76 3.38 -11.74
CA ASP A 292 41.32 2.04 -11.77
C ASP A 292 40.22 1.00 -11.59
N SER A 293 40.10 0.09 -12.56
CA SER A 293 39.16 -1.00 -12.46
C SER A 293 39.71 -2.21 -11.72
N ASP A 294 40.99 -2.17 -11.32
CA ASP A 294 41.57 -3.31 -10.62
C ASP A 294 41.07 -3.40 -9.18
N HIS A 295 40.87 -2.27 -8.52
CA HIS A 295 40.43 -2.27 -7.13
C HIS A 295 38.96 -2.70 -7.04
N THR A 296 38.67 -3.55 -6.06
CA THR A 296 37.31 -4.03 -5.87
C THR A 296 36.38 -2.95 -5.34
N ASP A 297 36.92 -1.88 -4.76
CA ASP A 297 36.10 -0.76 -4.31
C ASP A 297 35.55 0.03 -5.48
N ASN A 298 36.14 -0.08 -6.66
CA ASN A 298 35.62 0.55 -7.86
C ASN A 298 34.71 -0.37 -8.67
N GLN A 299 34.54 -1.62 -8.23
CA GLN A 299 33.65 -2.53 -8.95
C GLN A 299 32.20 -2.09 -8.87
N ARG A 300 31.83 -1.36 -7.82
CA ARG A 300 30.49 -0.78 -7.76
C ARG A 300 30.31 0.29 -8.83
N ILE A 301 31.37 1.08 -9.09
CA ILE A 301 31.33 2.05 -10.18
C ILE A 301 31.28 1.33 -11.52
N LEU A 302 31.99 0.21 -11.63
CA LEU A 302 31.94 -0.60 -12.86
C LEU A 302 30.54 -1.13 -13.12
N GLU A 303 29.89 -1.65 -12.08
CA GLU A 303 28.56 -2.24 -12.23
C GLU A 303 27.46 -1.20 -12.30
N PHE A 304 27.71 0.04 -11.89
CA PHE A 304 26.73 1.09 -12.07
C PHE A 304 26.53 1.40 -13.56
N PHE A 305 27.61 1.43 -14.33
CA PHE A 305 27.52 1.63 -15.77
C PHE A 305 27.12 0.37 -16.52
N GLY A 306 27.11 -0.79 -15.85
CA GLY A 306 26.76 -2.04 -16.46
C GLY A 306 27.93 -2.83 -17.01
N LEU A 307 29.08 -2.20 -17.19
CA LEU A 307 30.25 -2.88 -17.74
C LEU A 307 30.91 -3.72 -16.64
N LYS A 308 30.83 -5.05 -16.79
CA LYS A 308 31.51 -5.96 -15.86
C LYS A 308 32.93 -6.24 -16.32
N LYS A 309 33.70 -5.15 -16.52
CA LYS A 309 35.05 -5.17 -17.08
C LYS A 309 35.08 -5.92 -18.41
N GLU A 310 34.06 -5.67 -19.24
CA GLU A 310 34.00 -6.27 -20.56
C GLU A 310 35.09 -5.72 -21.46
N GLU A 311 35.25 -4.40 -21.47
CA GLU A 311 36.30 -3.73 -22.22
C GLU A 311 37.14 -2.92 -21.24
N CYS A 312 38.42 -3.26 -21.14
CA CYS A 312 39.31 -2.49 -20.28
C CYS A 312 39.52 -1.05 -20.73
N PRO A 313 39.76 -0.73 -22.03
CA PRO A 313 39.87 0.70 -22.40
C PRO A 313 38.54 1.39 -22.68
N ALA A 314 37.42 0.82 -22.20
CA ALA A 314 36.10 1.36 -22.50
C ALA A 314 35.94 2.79 -21.98
N VAL A 315 35.28 3.63 -22.78
CA VAL A 315 35.07 5.04 -22.49
C VAL A 315 33.57 5.29 -22.40
N ARG A 316 33.12 5.76 -21.24
CA ARG A 316 31.73 6.08 -21.01
C ARG A 316 31.61 7.48 -20.43
N LEU A 317 30.63 8.25 -20.90
CA LEU A 317 30.36 9.60 -20.43
C LEU A 317 29.06 9.59 -19.62
N ILE A 318 29.11 10.17 -18.42
CA ILE A 318 27.96 10.20 -17.52
C ILE A 318 27.61 11.66 -17.23
N THR A 319 26.34 12.00 -17.39
CA THR A 319 25.81 13.30 -17.00
C THR A 319 24.93 13.11 -15.77
N LEU A 320 25.15 13.92 -14.74
CA LEU A 320 24.46 13.76 -13.46
C LEU A 320 23.55 14.95 -13.16
N GLU A 321 23.15 15.69 -14.20
CA GLU A 321 22.29 16.86 -14.03
C GLU A 321 20.84 16.37 -13.99
N GLU A 322 20.43 15.91 -12.80
CA GLU A 322 19.06 15.52 -12.42
C GLU A 322 18.62 14.21 -13.07
N GLU A 323 19.42 13.68 -14.00
CA GLU A 323 19.10 12.44 -14.68
C GLU A 323 20.41 11.78 -15.10
N MET A 324 20.66 10.57 -14.60
CA MET A 324 21.86 9.82 -14.94
C MET A 324 21.67 9.19 -16.32
N THR A 325 22.31 9.78 -17.32
CA THR A 325 22.23 9.30 -18.70
C THR A 325 23.65 8.95 -19.14
N LYS A 326 23.98 7.66 -19.07
CA LYS A 326 25.31 7.19 -19.45
C LYS A 326 25.36 7.04 -20.97
N TYR A 327 26.13 7.90 -21.63
CA TYR A 327 26.13 7.95 -23.08
C TYR A 327 27.00 6.85 -23.67
N LYS A 328 26.76 6.56 -24.94
CA LYS A 328 27.42 5.49 -25.67
C LYS A 328 28.23 6.07 -26.82
N PRO A 329 29.55 5.87 -26.87
CA PRO A 329 30.34 6.39 -27.99
C PRO A 329 29.96 5.74 -29.30
N GLU A 330 30.04 6.53 -30.38
CA GLU A 330 29.65 6.04 -31.71
C GLU A 330 30.63 5.00 -32.23
N SER A 331 31.92 5.18 -31.94
CA SER A 331 32.97 4.32 -32.47
C SER A 331 33.56 3.51 -31.32
N GLU A 332 33.25 2.20 -31.29
CA GLU A 332 33.89 1.32 -30.33
C GLU A 332 35.32 1.00 -30.71
N GLU A 333 35.70 1.21 -31.96
CA GLU A 333 37.09 1.23 -32.37
C GLU A 333 37.69 2.53 -31.88
N LEU A 334 38.21 2.52 -30.66
CA LEU A 334 38.59 3.74 -29.96
C LEU A 334 40.10 3.87 -29.90
N THR A 335 40.60 5.03 -30.32
CA THR A 335 42.02 5.37 -30.24
C THR A 335 42.15 6.72 -29.54
N ALA A 336 43.34 7.32 -29.60
CA ALA A 336 43.52 8.65 -29.03
C ALA A 336 42.63 9.68 -29.71
N GLU A 337 42.54 9.63 -31.04
CA GLU A 337 41.70 10.57 -31.77
C GLU A 337 40.22 10.31 -31.51
N ARG A 338 39.82 9.03 -31.43
CA ARG A 338 38.42 8.69 -31.22
C ARG A 338 37.94 9.13 -29.86
N ILE A 339 38.72 8.85 -28.81
CA ILE A 339 38.39 9.31 -27.47
C ILE A 339 38.45 10.83 -27.39
N THR A 340 39.38 11.44 -28.14
CA THR A 340 39.51 12.90 -28.14
C THR A 340 38.26 13.57 -28.70
N GLU A 341 37.75 13.07 -29.82
CA GLU A 341 36.61 13.68 -30.47
C GLU A 341 35.28 13.07 -30.04
N PHE A 342 35.31 12.10 -29.12
CA PHE A 342 34.06 11.60 -28.55
C PHE A 342 33.32 12.67 -27.76
N CYS A 343 34.06 13.54 -27.06
CA CYS A 343 33.40 14.63 -26.35
C CYS A 343 32.78 15.64 -27.33
N HIS A 344 33.44 15.87 -28.45
CA HIS A 344 32.85 16.71 -29.50
C HIS A 344 31.59 16.06 -30.08
N ARG A 345 31.63 14.73 -30.25
CA ARG A 345 30.46 13.99 -30.71
C ARG A 345 29.31 14.10 -29.72
N PHE A 346 29.61 14.02 -28.43
CA PHE A 346 28.58 14.23 -27.40
C PHE A 346 28.05 15.66 -27.43
N LEU A 347 28.94 16.63 -27.68
CA LEU A 347 28.51 18.02 -27.78
C LEU A 347 27.63 18.26 -29.00
N GLU A 348 27.80 17.45 -30.05
CA GLU A 348 26.90 17.53 -31.20
C GLU A 348 25.47 17.11 -30.85
N GLY A 349 25.29 16.27 -29.82
CA GLY A 349 23.99 15.81 -29.42
C GLY A 349 23.51 14.55 -30.11
N LYS A 350 24.25 14.05 -31.10
CA LYS A 350 23.86 12.83 -31.80
C LYS A 350 24.28 11.56 -31.07
N ILE A 351 25.04 11.68 -29.99
CA ILE A 351 25.48 10.50 -29.24
C ILE A 351 24.31 9.98 -28.41
N LYS A 352 23.97 8.69 -28.60
CA LYS A 352 22.87 7.98 -27.98
C LYS A 352 23.29 7.41 -26.62
N PRO A 353 22.34 7.23 -25.71
CA PRO A 353 22.66 6.57 -24.43
C PRO A 353 22.95 5.09 -24.63
N HIS A 354 23.61 4.52 -23.63
CA HIS A 354 23.99 3.11 -23.63
C HIS A 354 22.94 2.29 -22.90
N LEU A 355 22.52 1.19 -23.52
CA LEU A 355 21.57 0.27 -22.93
C LEU A 355 22.10 -1.15 -23.06
N MET A 356 21.73 -2.00 -22.09
CA MET A 356 22.11 -3.41 -22.11
C MET A 356 21.04 -4.24 -22.81
N SER A 357 20.73 -3.85 -24.04
CA SER A 357 19.73 -4.52 -24.87
C SER A 357 20.43 -5.12 -26.08
N GLN A 358 20.39 -6.45 -26.19
CA GLN A 358 20.97 -7.12 -27.34
C GLN A 358 20.13 -6.86 -28.58
N GLU A 359 20.76 -6.98 -29.74
CA GLU A 359 20.14 -6.62 -31.00
C GLU A 359 19.42 -7.83 -31.61
N LEU A 360 19.10 -7.73 -32.90
CA LEU A 360 18.38 -8.77 -33.62
C LEU A 360 19.21 -10.05 -33.66
N PRO A 361 18.61 -11.22 -33.41
CA PRO A 361 19.38 -12.47 -33.40
C PRO A 361 19.76 -12.91 -34.81
N GLU A 362 20.62 -13.93 -34.86
CA GLU A 362 21.20 -14.36 -36.13
C GLU A 362 20.18 -15.09 -36.99
N ASP A 363 19.41 -15.99 -36.41
CA ASP A 363 18.48 -16.85 -37.14
C ASP A 363 17.02 -16.48 -36.86
N TRP A 364 16.73 -15.18 -36.80
CA TRP A 364 15.36 -14.73 -36.56
C TRP A 364 14.41 -15.07 -37.70
N ASP A 365 14.94 -15.21 -38.93
CA ASP A 365 14.09 -15.43 -40.09
C ASP A 365 13.58 -16.87 -40.18
N LYS A 366 14.33 -17.83 -39.64
CA LYS A 366 13.93 -19.24 -39.74
C LYS A 366 12.64 -19.52 -38.97
N GLN A 367 12.52 -18.97 -37.76
CA GLN A 367 11.34 -19.21 -36.94
C GLN A 367 10.21 -18.26 -37.35
N PRO A 368 8.98 -18.78 -37.43
CA PRO A 368 7.84 -17.93 -37.82
C PRO A 368 7.57 -16.76 -36.88
N VAL A 369 7.78 -16.95 -35.58
CA VAL A 369 7.72 -15.84 -34.66
C VAL A 369 9.12 -15.25 -34.50
N LYS A 370 9.22 -13.94 -34.64
CA LYS A 370 10.49 -13.23 -34.62
C LYS A 370 10.60 -12.46 -33.31
N VAL A 371 11.83 -12.02 -33.02
CA VAL A 371 12.14 -11.29 -31.80
C VAL A 371 12.39 -9.84 -32.18
N LEU A 372 11.61 -8.93 -31.59
CA LEU A 372 11.76 -7.49 -31.82
C LEU A 372 12.24 -6.88 -30.50
N VAL A 373 13.56 -6.81 -30.36
CA VAL A 373 14.23 -6.35 -29.14
C VAL A 373 14.06 -4.85 -28.98
N GLY A 374 14.46 -4.32 -27.82
CA GLY A 374 14.41 -2.89 -27.57
C GLY A 374 15.24 -2.06 -28.54
N LYS A 375 16.30 -2.64 -29.11
CA LYS A 375 17.01 -1.98 -30.19
C LYS A 375 16.12 -1.86 -31.43
N ASN A 376 15.35 -2.91 -31.73
CA ASN A 376 14.48 -2.95 -32.90
C ASN A 376 13.02 -2.66 -32.53
N PHE A 377 12.77 -2.13 -31.33
CA PHE A 377 11.41 -1.90 -30.87
C PHE A 377 10.74 -0.71 -31.54
N GLU A 378 11.48 0.07 -32.33
CA GLU A 378 10.92 1.22 -33.03
C GLU A 378 10.99 1.09 -34.54
N ASP A 379 12.12 0.62 -35.08
CA ASP A 379 12.25 0.46 -36.52
C ASP A 379 11.40 -0.69 -37.03
N VAL A 380 11.45 -1.83 -36.34
CA VAL A 380 10.67 -3.00 -36.74
C VAL A 380 9.41 -3.17 -35.91
N ALA A 381 9.39 -2.70 -34.67
CA ALA A 381 8.17 -2.73 -33.87
C ALA A 381 7.63 -1.32 -33.68
N VAL A 388 1.47 -6.06 -37.34
CA VAL A 388 2.48 -6.42 -36.36
C VAL A 388 1.88 -6.50 -34.95
N PHE A 389 2.47 -7.34 -34.11
CA PHE A 389 2.00 -7.50 -32.74
C PHE A 389 3.18 -7.83 -31.85
N VAL A 390 3.27 -7.17 -30.70
CA VAL A 390 4.38 -7.36 -29.77
C VAL A 390 3.85 -8.01 -28.49
N GLU A 391 4.75 -8.72 -27.82
CA GLU A 391 4.47 -9.31 -26.53
C GLU A 391 5.76 -9.28 -25.72
N PHE A 392 5.62 -9.20 -24.40
CA PHE A 392 6.76 -9.03 -23.49
C PHE A 392 6.80 -10.22 -22.55
N TYR A 393 7.46 -11.29 -22.97
CA TYR A 393 7.58 -12.49 -22.15
C TYR A 393 8.80 -12.37 -21.23
N ALA A 394 8.98 -13.39 -20.39
CA ALA A 394 10.12 -13.45 -19.50
C ALA A 394 10.50 -14.91 -19.27
N PRO A 395 11.79 -15.26 -19.38
CA PRO A 395 12.22 -16.62 -19.03
C PRO A 395 12.24 -16.89 -17.53
N TRP A 396 11.93 -15.88 -16.72
CA TRP A 396 11.87 -16.06 -15.27
C TRP A 396 10.73 -16.99 -14.87
N CYS A 397 9.53 -16.72 -15.37
CA CYS A 397 8.33 -17.39 -14.88
C CYS A 397 8.26 -18.83 -15.38
N GLY A 398 7.92 -19.75 -14.47
CA GLY A 398 7.70 -21.12 -14.88
C GLY A 398 6.43 -21.31 -15.68
N HIS A 399 5.46 -20.41 -15.50
CA HIS A 399 4.27 -20.43 -16.34
C HIS A 399 4.64 -20.05 -17.78
N CYS A 400 5.64 -19.19 -17.95
CA CYS A 400 6.12 -18.90 -19.30
C CYS A 400 6.87 -20.09 -19.87
N LYS A 401 7.54 -20.86 -19.01
CA LYS A 401 8.16 -22.11 -19.45
C LYS A 401 7.11 -23.11 -19.93
N GLN A 402 5.98 -23.17 -19.24
CA GLN A 402 4.88 -24.03 -19.68
C GLN A 402 4.22 -23.50 -20.95
N LEU A 403 4.15 -22.17 -21.09
CA LEU A 403 3.55 -21.54 -22.25
C LEU A 403 4.47 -21.52 -23.47
N ALA A 404 5.75 -21.82 -23.29
CA ALA A 404 6.67 -21.86 -24.43
C ALA A 404 6.28 -22.86 -25.51
N PRO A 405 5.83 -24.10 -25.22
CA PRO A 405 5.21 -24.89 -26.30
C PRO A 405 3.97 -24.25 -26.90
N ILE A 406 3.16 -23.57 -26.07
CA ILE A 406 1.95 -22.92 -26.57
C ILE A 406 2.30 -21.76 -27.49
N TRP A 407 3.27 -20.93 -27.07
CA TRP A 407 3.70 -19.82 -27.92
C TRP A 407 4.47 -20.31 -29.15
N ASP A 408 5.11 -21.47 -29.08
CA ASP A 408 5.68 -22.08 -30.27
C ASP A 408 4.59 -22.49 -31.24
N LYS A 409 3.53 -23.11 -30.74
CA LYS A 409 2.44 -23.59 -31.60
C LYS A 409 1.67 -22.44 -32.23
N LEU A 410 1.47 -21.35 -31.48
CA LEU A 410 0.79 -20.17 -32.02
C LEU A 410 1.56 -19.58 -33.20
N GLY A 411 2.88 -19.43 -33.05
CA GLY A 411 3.69 -18.94 -34.14
C GLY A 411 3.79 -19.92 -35.31
N GLU A 412 3.85 -21.22 -35.01
CA GLU A 412 3.90 -22.22 -36.07
C GLU A 412 2.62 -22.21 -36.90
N THR A 413 1.47 -22.05 -36.24
CA THR A 413 0.22 -21.89 -36.97
C THR A 413 0.21 -20.59 -37.76
N TYR A 414 0.60 -19.48 -37.14
CA TYR A 414 0.63 -18.19 -37.82
C TYR A 414 2.03 -17.95 -38.39
N LYS A 415 2.30 -18.67 -39.47
CA LYS A 415 3.60 -18.61 -40.13
C LYS A 415 3.51 -17.95 -41.50
N VAL A 421 3.03 -9.84 -38.07
CA VAL A 421 4.19 -10.32 -37.34
C VAL A 421 3.89 -10.38 -35.84
N ILE A 422 4.20 -11.51 -35.21
CA ILE A 422 4.01 -11.70 -33.79
C ILE A 422 5.38 -11.65 -33.12
N ALA A 423 5.54 -10.72 -32.18
CA ALA A 423 6.82 -10.45 -31.55
C ALA A 423 6.78 -10.78 -30.08
N LYS A 424 7.74 -11.57 -29.62
CA LYS A 424 8.00 -11.75 -28.20
C LYS A 424 9.22 -10.94 -27.81
N MET A 425 9.17 -10.34 -26.62
CA MET A 425 10.25 -9.49 -26.14
C MET A 425 10.72 -9.97 -24.78
N ASP A 426 12.03 -10.20 -24.65
CA ASP A 426 12.62 -10.57 -23.36
C ASP A 426 12.92 -9.27 -22.61
N SER A 427 11.90 -8.79 -21.90
CA SER A 427 11.99 -7.52 -21.17
C SER A 427 12.86 -7.60 -19.93
N THR A 428 13.27 -8.81 -19.51
CA THR A 428 14.24 -8.92 -18.42
C THR A 428 15.61 -8.40 -18.84
N ALA A 429 16.02 -8.69 -20.08
CA ALA A 429 17.28 -8.20 -20.59
C ALA A 429 17.16 -6.84 -21.26
N ASN A 430 16.13 -6.65 -22.08
CA ASN A 430 15.91 -5.38 -22.75
C ASN A 430 15.13 -4.44 -21.82
N GLU A 431 14.68 -3.31 -22.34
CA GLU A 431 13.92 -2.34 -21.57
C GLU A 431 12.74 -1.84 -22.38
N VAL A 432 11.63 -1.60 -21.69
CA VAL A 432 10.39 -1.10 -22.30
C VAL A 432 10.30 0.39 -22.00
N GLU A 433 10.24 1.21 -23.05
CA GLU A 433 10.22 2.65 -22.87
C GLU A 433 8.81 3.22 -22.74
N ALA A 434 7.84 2.63 -23.43
CA ALA A 434 6.49 3.20 -23.46
C ALA A 434 5.77 2.96 -22.13
N VAL A 435 5.86 1.75 -21.60
CA VAL A 435 5.13 1.41 -20.38
C VAL A 435 5.96 0.46 -19.52
N LYS A 436 5.42 0.08 -18.36
CA LYS A 436 6.06 -0.84 -17.45
C LYS A 436 5.14 -2.04 -17.24
N VAL A 437 5.75 -3.18 -16.88
CA VAL A 437 5.01 -4.42 -16.73
C VAL A 437 5.26 -5.02 -15.35
N HIS A 438 4.38 -4.71 -14.40
CA HIS A 438 4.43 -5.38 -13.10
C HIS A 438 4.06 -6.86 -13.24
N SER A 439 2.99 -7.14 -13.96
CA SER A 439 2.68 -8.49 -14.43
C SER A 439 3.19 -8.55 -15.87
N PHE A 440 4.29 -9.28 -16.07
CA PHE A 440 5.04 -9.29 -17.32
C PHE A 440 4.24 -9.72 -18.55
N PRO A 441 3.37 -10.77 -18.51
CA PRO A 441 2.53 -11.02 -19.70
C PRO A 441 1.34 -10.07 -19.79
N THR A 442 1.61 -8.77 -19.73
CA THR A 442 0.61 -7.74 -20.01
C THR A 442 0.75 -7.40 -21.49
N LEU A 443 -0.08 -8.05 -22.30
CA LEU A 443 0.03 -7.95 -23.76
C LEU A 443 -0.37 -6.56 -24.21
N LYS A 444 0.45 -5.95 -25.06
CA LYS A 444 0.11 -4.69 -25.72
C LYS A 444 -0.05 -5.01 -27.21
N PHE A 445 -1.29 -4.98 -27.68
CA PHE A 445 -1.55 -5.28 -29.09
C PHE A 445 -1.01 -4.15 -29.96
N PHE A 446 -0.01 -4.47 -30.76
CA PHE A 446 0.57 -3.41 -31.59
C PHE A 446 -0.35 -3.12 -32.78
N PRO A 447 -0.54 -1.85 -33.10
CA PRO A 447 -1.49 -1.48 -34.16
C PRO A 447 -0.88 -1.51 -35.55
N ALA A 448 -1.65 -1.06 -36.53
CA ALA A 448 -1.16 -0.77 -37.86
C ALA A 448 -0.96 0.73 -38.03
N SER A 449 -0.03 1.09 -38.92
CA SER A 449 0.29 2.49 -39.29
C SER A 449 0.78 3.30 -38.10
N ALA A 450 1.36 2.62 -37.10
CA ALA A 450 2.14 3.23 -36.00
C ALA A 450 1.32 4.23 -35.18
N ASP A 451 0.05 3.92 -34.94
CA ASP A 451 -0.78 4.70 -34.04
C ASP A 451 -0.90 3.92 -32.72
N ARG A 452 0.14 4.04 -31.89
CA ARG A 452 0.38 3.09 -30.81
C ARG A 452 -0.69 3.15 -29.73
N THR A 453 -1.21 1.98 -29.36
CA THR A 453 -2.22 1.84 -28.32
C THR A 453 -1.87 0.64 -27.44
N VAL A 454 -2.33 0.67 -26.20
CA VAL A 454 -2.11 -0.40 -25.23
C VAL A 454 -3.46 -1.01 -24.89
N ILE A 455 -3.65 -2.26 -25.26
CA ILE A 455 -4.87 -3.02 -24.93
C ILE A 455 -4.45 -4.39 -24.41
N ASP A 456 -4.89 -4.71 -23.19
CA ASP A 456 -4.37 -5.86 -22.46
C ASP A 456 -5.19 -7.11 -22.79
N TYR A 457 -4.54 -8.09 -23.41
CA TYR A 457 -5.16 -9.40 -23.58
C TYR A 457 -5.12 -10.18 -22.28
N ASN A 458 -6.25 -10.80 -21.93
CA ASN A 458 -6.43 -11.50 -20.66
C ASN A 458 -7.05 -12.87 -20.89
N GLY A 459 -6.48 -13.63 -21.81
CA GLY A 459 -6.99 -14.95 -22.14
C GLY A 459 -6.62 -16.00 -21.10
N GLU A 460 -6.87 -17.25 -21.46
CA GLU A 460 -6.75 -18.37 -20.54
C GLU A 460 -5.40 -19.08 -20.66
N ARG A 461 -4.43 -18.47 -21.35
CA ARG A 461 -3.07 -19.00 -21.53
C ARG A 461 -3.09 -20.39 -22.17
N THR A 462 -3.93 -20.57 -23.18
CA THR A 462 -4.06 -21.84 -23.88
C THR A 462 -3.56 -21.70 -25.32
N LEU A 463 -3.39 -22.85 -25.97
CA LEU A 463 -2.97 -22.87 -27.36
C LEU A 463 -4.09 -22.49 -28.33
N ASP A 464 -5.32 -22.42 -27.85
CA ASP A 464 -6.46 -22.04 -28.68
C ASP A 464 -6.95 -20.63 -28.44
N GLY A 465 -6.78 -20.10 -27.22
CA GLY A 465 -7.23 -18.74 -26.94
C GLY A 465 -6.44 -17.69 -27.70
N PHE A 466 -5.12 -17.87 -27.79
CA PHE A 466 -4.30 -16.93 -28.54
C PHE A 466 -4.58 -17.04 -30.05
N LYS A 467 -4.87 -18.25 -30.53
CA LYS A 467 -5.27 -18.42 -31.93
C LYS A 467 -6.60 -17.73 -32.20
N LYS A 468 -7.55 -17.80 -31.25
CA LYS A 468 -8.82 -17.10 -31.41
C LYS A 468 -8.62 -15.58 -31.36
N PHE A 469 -7.68 -15.12 -30.53
CA PHE A 469 -7.37 -13.70 -30.48
C PHE A 469 -6.78 -13.22 -31.79
N LEU A 470 -5.85 -13.99 -32.37
CA LEU A 470 -5.24 -13.61 -33.64
C LEU A 470 -6.16 -13.84 -34.83
N GLU A 471 -7.21 -14.65 -34.67
CA GLU A 471 -8.13 -14.87 -35.78
C GLU A 471 -8.97 -13.63 -36.08
N SER A 472 -9.23 -12.81 -35.06
CA SER A 472 -9.96 -11.56 -35.26
C SER A 472 -9.07 -10.41 -35.69
N GLY A 473 -7.77 -10.64 -35.83
CA GLY A 473 -6.86 -9.56 -36.16
C GLY A 473 -6.61 -8.58 -35.04
N GLY A 474 -6.87 -8.99 -33.79
CA GLY A 474 -6.74 -8.12 -32.64
C GLY A 474 -7.95 -7.27 -32.35
N GLN A 475 -9.00 -7.34 -33.18
CA GLN A 475 -10.20 -6.57 -32.92
C GLN A 475 -10.97 -7.11 -31.72
N ASP A 476 -10.95 -8.43 -31.53
CA ASP A 476 -11.65 -9.07 -30.43
C ASP A 476 -10.64 -9.72 -29.48
N GLY A 477 -10.91 -9.60 -28.19
CA GLY A 477 -10.04 -10.13 -27.17
C GLY A 477 -8.99 -9.17 -26.66
N ALA A 478 -8.86 -8.00 -27.28
CA ALA A 478 -7.87 -7.01 -26.88
C ALA A 478 -8.50 -6.01 -25.92
N GLY A 479 -7.82 -5.76 -24.80
CA GLY A 479 -8.34 -4.85 -23.79
C GLY A 479 -9.14 -5.57 -22.73
N ASP B 31 -65.46 5.53 -1.52
CA ASP B 31 -66.90 5.72 -1.40
C ASP B 31 -67.64 4.49 -1.88
N ARG B 32 -67.07 3.82 -2.88
CA ARG B 32 -67.65 2.61 -3.45
C ARG B 32 -66.56 1.54 -3.56
N LEU B 33 -66.99 0.33 -3.91
CA LEU B 33 -66.06 -0.77 -4.08
C LEU B 33 -65.19 -0.56 -5.31
N TYR B 34 -63.89 -0.73 -5.15
CA TYR B 34 -62.94 -0.62 -6.25
C TYR B 34 -62.37 -2.00 -6.56
N LYS B 35 -62.47 -2.41 -7.82
CA LYS B 35 -62.03 -3.72 -8.26
C LYS B 35 -60.69 -3.58 -8.97
N LEU B 36 -59.63 -4.03 -8.31
CA LEU B 36 -58.28 -3.88 -8.82
C LEU B 36 -57.61 -5.24 -8.93
N THR B 37 -56.62 -5.32 -9.83
CA THR B 37 -55.81 -6.52 -10.00
C THR B 37 -54.42 -6.26 -9.45
N TYR B 38 -53.86 -7.27 -8.80
CA TYR B 38 -52.59 -7.12 -8.09
C TYR B 38 -51.66 -8.26 -8.45
N SER B 39 -50.37 -7.93 -8.58
CA SER B 39 -49.32 -8.92 -8.79
C SER B 39 -48.14 -8.56 -7.90
N THR B 40 -47.34 -9.58 -7.55
CA THR B 40 -46.20 -9.40 -6.65
C THR B 40 -44.96 -9.94 -7.35
N GLU B 41 -44.33 -9.10 -8.18
CA GLU B 41 -43.18 -9.52 -8.96
C GLU B 41 -41.95 -9.61 -8.07
N VAL B 42 -41.34 -10.80 -8.01
CA VAL B 42 -40.13 -11.04 -7.23
C VAL B 42 -39.04 -11.51 -8.20
N LEU B 43 -37.91 -10.83 -8.19
CA LEU B 43 -36.80 -11.15 -9.07
C LEU B 43 -35.54 -11.37 -8.27
N LEU B 44 -34.73 -12.35 -8.68
CA LEU B 44 -33.44 -12.66 -8.05
C LEU B 44 -32.40 -12.72 -9.17
N ASP B 45 -31.84 -11.57 -9.52
CA ASP B 45 -30.86 -11.48 -10.59
C ASP B 45 -29.44 -11.62 -10.06
N ARG B 46 -28.54 -12.06 -10.94
CA ARG B 46 -27.14 -12.18 -10.63
C ARG B 46 -26.34 -10.92 -10.97
N GLY B 47 -27.01 -9.89 -11.47
CA GLY B 47 -26.33 -8.64 -11.78
C GLY B 47 -25.65 -8.59 -13.12
N LYS B 48 -25.96 -9.53 -14.03
CA LYS B 48 -25.39 -9.48 -15.37
C LYS B 48 -25.91 -8.28 -16.15
N GLY B 49 -27.19 -7.97 -16.00
CA GLY B 49 -27.80 -6.81 -16.64
C GLY B 49 -29.06 -7.17 -17.39
N LYS B 50 -29.04 -8.30 -18.10
CA LYS B 50 -30.25 -8.83 -18.73
C LYS B 50 -30.05 -10.33 -18.91
N LEU B 51 -30.61 -11.13 -18.01
CA LEU B 51 -30.46 -12.58 -18.06
C LEU B 51 -31.53 -13.20 -17.17
N GLN B 52 -32.27 -14.14 -17.73
CA GLN B 52 -33.31 -14.88 -16.98
C GLN B 52 -32.76 -16.18 -16.42
N ASP B 53 -31.62 -16.09 -15.72
CA ASP B 53 -31.01 -17.30 -15.15
C ASP B 53 -31.73 -17.75 -13.88
N SER B 54 -32.10 -16.81 -13.02
CA SER B 54 -32.82 -17.12 -11.79
C SER B 54 -33.90 -16.07 -11.58
N VAL B 55 -35.04 -16.52 -11.05
CA VAL B 55 -36.23 -15.69 -10.88
C VAL B 55 -36.94 -16.10 -9.60
N GLY B 56 -38.03 -15.39 -9.30
CA GLY B 56 -38.87 -15.71 -8.15
C GLY B 56 -40.33 -15.78 -8.55
N TYR B 57 -41.15 -16.17 -7.57
CA TYR B 57 -42.57 -16.33 -7.79
C TYR B 57 -43.26 -14.98 -7.95
N ARG B 58 -44.42 -14.99 -8.61
CA ARG B 58 -45.29 -13.83 -8.69
C ARG B 58 -46.63 -14.19 -8.06
N ILE B 59 -46.99 -13.47 -7.00
CA ILE B 59 -48.24 -13.71 -6.29
C ILE B 59 -49.29 -12.77 -6.84
N SER B 60 -50.36 -13.34 -7.39
CA SER B 60 -51.37 -12.58 -8.13
C SER B 60 -52.74 -12.73 -7.47
N SER B 61 -53.50 -11.64 -7.47
CA SER B 61 -54.87 -11.66 -6.99
C SER B 61 -55.61 -10.46 -7.57
N ASN B 62 -56.93 -10.56 -7.59
CA ASN B 62 -57.80 -9.43 -7.91
C ASN B 62 -58.32 -8.84 -6.60
N VAL B 63 -57.92 -7.61 -6.31
CA VAL B 63 -58.14 -7.00 -5.01
C VAL B 63 -59.37 -6.12 -5.07
N ASP B 64 -60.32 -6.37 -4.19
CA ASP B 64 -61.51 -5.54 -4.03
C ASP B 64 -61.30 -4.63 -2.84
N VAL B 65 -61.36 -3.33 -3.05
CA VAL B 65 -61.15 -2.33 -2.01
C VAL B 65 -62.44 -1.55 -1.84
N ALA B 66 -62.95 -1.55 -0.61
CA ALA B 66 -64.19 -0.84 -0.29
C ALA B 66 -63.95 0.08 0.90
N LEU B 67 -64.50 1.29 0.83
CA LEU B 67 -64.44 2.24 1.92
C LEU B 67 -65.51 1.88 2.95
N LEU B 68 -65.09 1.55 4.16
CA LEU B 68 -66.02 1.17 5.22
C LEU B 68 -66.61 2.40 5.89
N ASP B 75 -62.92 15.68 9.45
CA ASP B 75 -61.73 14.91 9.80
C ASP B 75 -61.22 14.14 8.59
N ASP B 76 -59.99 13.61 8.69
CA ASP B 76 -59.38 12.85 7.61
C ASP B 76 -59.08 11.41 8.02
N ASP B 77 -59.73 10.91 9.07
CA ASP B 77 -59.60 9.50 9.42
C ASP B 77 -60.58 8.67 8.61
N GLN B 78 -60.13 7.52 8.12
CA GLN B 78 -60.97 6.67 7.29
C GLN B 78 -60.55 5.22 7.45
N LEU B 79 -61.52 4.32 7.31
CA LEU B 79 -61.31 2.89 7.43
C LEU B 79 -61.77 2.21 6.16
N ILE B 80 -60.94 1.32 5.62
CA ILE B 80 -61.23 0.65 4.36
C ILE B 80 -61.10 -0.85 4.54
N GLN B 81 -61.76 -1.58 3.64
CA GLN B 81 -61.69 -3.03 3.59
C GLN B 81 -60.95 -3.45 2.32
N ILE B 82 -59.94 -4.30 2.47
CA ILE B 82 -59.16 -4.81 1.35
C ILE B 82 -59.31 -6.33 1.33
N THR B 83 -59.81 -6.85 0.21
CA THR B 83 -60.09 -8.27 0.06
C THR B 83 -59.33 -8.79 -1.16
N MET B 84 -58.73 -9.98 -1.01
CA MET B 84 -57.96 -10.59 -2.08
C MET B 84 -58.78 -11.72 -2.71
N LYS B 85 -59.28 -11.47 -3.92
CA LYS B 85 -59.99 -12.47 -4.71
C LYS B 85 -59.12 -12.94 -5.87
N ASP B 86 -59.44 -14.12 -6.38
CA ASP B 86 -58.71 -14.78 -7.47
C ASP B 86 -57.22 -14.89 -7.14
N VAL B 87 -56.92 -15.28 -5.91
CA VAL B 87 -55.56 -15.31 -5.41
C VAL B 87 -54.89 -16.59 -5.91
N ASN B 88 -53.84 -16.43 -6.71
CA ASN B 88 -53.11 -17.56 -7.27
C ASN B 88 -51.69 -17.12 -7.57
N VAL B 89 -50.77 -18.08 -7.57
CA VAL B 89 -49.35 -17.81 -7.77
C VAL B 89 -48.95 -18.33 -9.15
N GLU B 90 -48.33 -17.44 -9.94
CA GLU B 90 -47.89 -17.77 -11.29
C GLU B 90 -46.42 -17.40 -11.43
N ASN B 91 -45.74 -18.09 -12.35
CA ASN B 91 -44.35 -17.74 -12.64
C ASN B 91 -44.30 -16.66 -13.72
N VAL B 92 -43.29 -15.79 -13.61
CA VAL B 92 -43.03 -14.79 -14.64
C VAL B 92 -42.07 -15.32 -15.70
N ASN B 93 -41.30 -16.36 -15.39
CA ASN B 93 -40.40 -17.00 -16.36
C ASN B 93 -41.09 -18.25 -16.91
N GLN B 94 -42.04 -18.02 -17.80
CA GLN B 94 -42.78 -19.10 -18.44
C GLN B 94 -42.07 -19.68 -19.65
N GLN B 95 -40.78 -19.37 -19.83
CA GLN B 95 -40.02 -19.94 -20.94
C GLN B 95 -39.85 -21.45 -20.77
N ARG B 96 -39.61 -21.90 -19.54
CA ARG B 96 -39.55 -23.33 -19.27
C ARG B 96 -40.92 -23.98 -19.42
N GLY B 97 -41.97 -23.29 -18.99
CA GLY B 97 -43.32 -23.81 -19.13
C GLY B 97 -43.78 -24.60 -17.92
N GLU B 98 -43.70 -25.93 -18.01
CA GLU B 98 -44.22 -26.83 -16.98
C GLU B 98 -43.11 -27.53 -16.21
N LYS B 99 -41.92 -26.92 -16.15
CA LYS B 99 -40.80 -27.52 -15.43
C LYS B 99 -40.89 -27.32 -13.92
N SER B 100 -41.68 -26.35 -13.46
CA SER B 100 -41.74 -26.02 -12.05
C SER B 100 -42.73 -26.94 -11.33
N ILE B 101 -43.03 -26.62 -10.07
CA ILE B 101 -44.03 -27.36 -9.29
C ILE B 101 -45.38 -26.65 -9.30
N PHE B 102 -45.54 -25.63 -10.14
CA PHE B 102 -46.84 -24.98 -10.25
C PHE B 102 -47.83 -25.80 -11.07
N LYS B 103 -47.35 -26.81 -11.79
CA LYS B 103 -48.20 -27.74 -12.51
C LYS B 103 -48.57 -28.91 -11.60
N GLY B 104 -49.86 -29.26 -11.58
CA GLY B 104 -50.34 -30.32 -10.74
C GLY B 104 -50.65 -29.94 -9.31
N LYS B 105 -50.51 -28.66 -8.96
CA LYS B 105 -50.84 -28.17 -7.63
C LYS B 105 -51.91 -27.09 -7.75
N SER B 106 -53.00 -27.26 -7.02
CA SER B 106 -54.06 -26.27 -7.00
C SER B 106 -53.61 -25.04 -6.23
N PRO B 107 -54.26 -23.89 -6.43
CA PRO B 107 -54.01 -22.74 -5.54
C PRO B 107 -54.30 -23.03 -4.09
N SER B 108 -55.26 -23.91 -3.80
CA SER B 108 -55.49 -24.35 -2.44
C SER B 108 -54.31 -25.19 -1.93
N LYS B 109 -53.73 -26.02 -2.80
CA LYS B 109 -52.63 -26.89 -2.38
C LYS B 109 -51.35 -26.09 -2.14
N ILE B 110 -51.12 -25.05 -2.93
CA ILE B 110 -49.88 -24.27 -2.83
C ILE B 110 -49.81 -23.52 -1.50
N MET B 111 -50.89 -22.83 -1.15
CA MET B 111 -50.88 -21.98 0.04
C MET B 111 -51.43 -22.67 1.28
N GLY B 112 -52.03 -23.84 1.14
CA GLY B 112 -52.67 -24.50 2.25
C GLY B 112 -54.13 -24.13 2.40
N LYS B 113 -54.80 -24.83 3.31
CA LYS B 113 -56.23 -24.65 3.51
C LYS B 113 -56.53 -23.29 4.15
N GLU B 114 -55.82 -22.96 5.23
CA GLU B 114 -56.17 -21.77 6.01
C GLU B 114 -55.66 -20.49 5.36
N ASN B 115 -54.48 -20.53 4.73
CA ASN B 115 -53.83 -19.31 4.27
C ASN B 115 -54.45 -18.77 2.99
N LEU B 116 -55.04 -19.64 2.15
CA LEU B 116 -55.69 -19.19 0.93
C LEU B 116 -56.89 -18.30 1.24
N GLU B 117 -57.70 -18.69 2.22
CA GLU B 117 -58.85 -17.89 2.62
C GLU B 117 -58.47 -16.78 3.59
N ALA B 118 -57.33 -16.90 4.27
CA ALA B 118 -56.87 -15.83 5.16
C ALA B 118 -56.53 -14.58 4.36
N LEU B 119 -55.87 -14.74 3.22
CA LEU B 119 -55.70 -13.62 2.29
C LEU B 119 -57.05 -13.17 1.76
N GLN B 120 -57.95 -14.11 1.49
CA GLN B 120 -59.30 -13.78 1.05
C GLN B 120 -60.14 -13.22 2.18
N ARG B 121 -59.75 -13.45 3.43
CA ARG B 121 -60.41 -12.77 4.54
C ARG B 121 -60.06 -11.29 4.50
N PRO B 122 -61.05 -10.39 4.55
CA PRO B 122 -60.76 -8.96 4.41
C PRO B 122 -59.96 -8.41 5.58
N THR B 123 -59.18 -7.38 5.28
CA THR B 123 -58.36 -6.70 6.28
C THR B 123 -58.73 -5.23 6.33
N LEU B 124 -58.40 -4.60 7.46
CA LEU B 124 -58.79 -3.23 7.74
C LEU B 124 -57.56 -2.36 7.91
N LEU B 125 -57.73 -1.06 7.68
CA LEU B 125 -56.66 -0.09 7.89
C LEU B 125 -57.26 1.28 8.20
N HIS B 126 -56.73 1.94 9.21
CA HIS B 126 -57.12 3.29 9.56
C HIS B 126 -56.08 4.25 8.99
N LEU B 127 -56.55 5.21 8.20
CA LEU B 127 -55.67 6.14 7.50
C LEU B 127 -56.06 7.57 7.84
N ILE B 128 -55.08 8.37 8.24
CA ILE B 128 -55.27 9.78 8.55
C ILE B 128 -54.26 10.58 7.73
N HIS B 129 -54.76 11.39 6.79
CA HIS B 129 -53.95 12.26 5.94
C HIS B 129 -52.88 11.48 5.16
N GLY B 130 -53.24 10.28 4.72
CA GLY B 130 -52.34 9.47 3.93
C GLY B 130 -51.29 8.71 4.71
N LYS B 131 -51.44 8.59 6.03
CA LYS B 131 -50.51 7.84 6.85
C LYS B 131 -51.27 6.81 7.68
N VAL B 132 -50.57 5.74 8.04
CA VAL B 132 -51.19 4.63 8.76
C VAL B 132 -51.48 5.07 10.19
N LYS B 133 -52.76 5.10 10.56
CA LYS B 133 -53.13 5.36 11.94
C LYS B 133 -53.02 4.09 12.77
N GLU B 134 -53.78 3.06 12.40
CA GLU B 134 -53.68 1.77 13.05
C GLU B 134 -54.15 0.68 12.10
N PHE B 135 -53.49 -0.47 12.15
CA PHE B 135 -53.78 -1.59 11.26
C PHE B 135 -54.62 -2.62 12.01
N TYR B 136 -55.75 -2.99 11.43
CA TYR B 136 -56.70 -3.92 12.06
C TYR B 136 -56.90 -5.14 11.18
N SER B 137 -56.83 -6.32 11.78
CA SER B 137 -57.21 -7.56 11.12
C SER B 137 -57.61 -8.56 12.20
N TYR B 138 -57.97 -9.77 11.76
CA TYR B 138 -58.40 -10.80 12.70
C TYR B 138 -57.27 -11.25 13.61
N GLN B 139 -56.04 -11.29 13.08
CA GLN B 139 -54.77 -11.54 13.77
C GLN B 139 -54.61 -13.01 14.20
N ASN B 140 -55.68 -13.80 14.07
CA ASN B 140 -55.61 -15.23 14.34
C ASN B 140 -55.23 -15.99 13.07
N GLU B 141 -54.04 -15.68 12.57
CA GLU B 141 -53.55 -16.23 11.32
C GLU B 141 -52.03 -16.19 11.31
N ALA B 142 -51.45 -16.73 10.25
CA ALA B 142 -49.99 -16.76 10.13
C ALA B 142 -49.44 -15.35 9.92
N VAL B 143 -48.18 -15.18 10.31
CA VAL B 143 -47.53 -13.88 10.22
C VAL B 143 -47.30 -13.48 8.77
N ALA B 144 -46.82 -14.41 7.95
CA ALA B 144 -46.41 -14.10 6.59
C ALA B 144 -47.59 -13.74 5.70
N ILE B 145 -48.75 -14.37 5.92
CA ILE B 145 -49.94 -14.01 5.16
C ILE B 145 -50.40 -12.60 5.50
N GLU B 146 -50.24 -12.20 6.76
CA GLU B 146 -50.53 -10.81 7.14
C GLU B 146 -49.56 -9.84 6.49
N ASN B 147 -48.31 -10.27 6.26
CA ASN B 147 -47.31 -9.40 5.66
C ASN B 147 -47.69 -9.00 4.24
N ILE B 148 -48.29 -9.93 3.49
CA ILE B 148 -48.70 -9.65 2.11
C ILE B 148 -49.79 -8.59 2.10
N LYS B 149 -50.78 -8.72 2.99
CA LYS B 149 -51.83 -7.71 3.08
C LYS B 149 -51.29 -6.40 3.63
N ARG B 150 -50.29 -6.46 4.53
CA ARG B 150 -49.65 -5.24 5.01
C ARG B 150 -48.92 -4.52 3.88
N GLY B 151 -48.23 -5.27 3.02
CA GLY B 151 -47.63 -4.68 1.86
C GLY B 151 -48.63 -4.26 0.80
N LEU B 152 -49.83 -4.85 0.82
CA LEU B 152 -50.85 -4.52 -0.16
C LEU B 152 -51.53 -3.18 0.15
N ALA B 153 -51.73 -2.88 1.43
CA ALA B 153 -52.45 -1.67 1.82
C ALA B 153 -51.57 -0.43 1.83
N SER B 154 -50.24 -0.59 1.75
CA SER B 154 -49.34 0.54 1.84
C SER B 154 -49.42 1.47 0.63
N LEU B 155 -49.96 0.97 -0.50
CA LEU B 155 -50.00 1.77 -1.71
C LEU B 155 -51.02 2.91 -1.63
N PHE B 156 -51.98 2.83 -0.72
CA PHE B 156 -52.94 3.91 -0.53
C PHE B 156 -52.50 4.90 0.54
N GLN B 157 -51.37 4.65 1.20
CA GLN B 157 -50.84 5.52 2.24
C GLN B 157 -49.59 6.19 1.67
N THR B 158 -49.78 7.32 0.99
CA THR B 158 -48.69 8.04 0.36
C THR B 158 -49.12 9.49 0.16
N GLN B 159 -48.14 10.33 -0.11
CA GLN B 159 -48.37 11.76 -0.27
C GLN B 159 -48.10 12.20 -1.71
N SER B 162 -44.32 15.42 -2.30
CA SER B 162 -43.21 16.36 -2.27
C SER B 162 -42.84 16.73 -0.84
N GLY B 163 -42.00 15.90 -0.23
CA GLY B 163 -41.58 16.15 1.14
C GLY B 163 -40.68 15.03 1.63
N THR B 164 -40.34 15.10 2.91
CA THR B 164 -39.48 14.11 3.53
C THR B 164 -39.86 13.96 5.00
N THR B 165 -40.12 12.73 5.42
CA THR B 165 -40.48 12.45 6.80
C THR B 165 -40.16 11.00 7.13
N ASN B 166 -40.40 10.63 8.38
CA ASN B 166 -40.33 9.25 8.83
C ASN B 166 -41.77 8.74 8.92
N GLU B 167 -42.24 8.16 7.82
CA GLU B 167 -43.65 7.79 7.71
C GLU B 167 -43.88 6.40 8.29
N VAL B 168 -45.15 6.01 8.32
CA VAL B 168 -45.59 4.70 8.81
C VAL B 168 -45.95 3.85 7.61
N ASP B 169 -45.31 2.69 7.49
CA ASP B 169 -45.49 1.82 6.33
C ASP B 169 -45.13 0.40 6.74
N ILE B 170 -44.97 -0.46 5.74
CA ILE B 170 -44.68 -1.87 5.99
C ILE B 170 -43.27 -2.04 6.56
N SER B 171 -42.31 -1.26 6.06
CA SER B 171 -40.91 -1.44 6.46
C SER B 171 -40.66 -0.93 7.88
N GLY B 172 -41.25 0.19 8.26
CA GLY B 172 -41.00 0.73 9.58
C GLY B 172 -40.98 2.25 9.63
N ASN B 173 -39.86 2.80 10.09
CA ASN B 173 -39.67 4.24 10.16
C ASN B 173 -38.38 4.61 9.44
N CYS B 174 -38.50 5.18 8.25
CA CYS B 174 -37.35 5.49 7.41
C CYS B 174 -37.48 6.90 6.86
N LYS B 175 -36.35 7.50 6.53
CA LYS B 175 -36.33 8.79 5.84
C LYS B 175 -36.87 8.57 4.43
N VAL B 176 -38.11 8.96 4.20
CA VAL B 176 -38.81 8.69 2.95
C VAL B 176 -38.84 9.96 2.12
N THR B 177 -38.26 9.90 0.93
CA THR B 177 -38.18 11.05 0.04
C THR B 177 -39.37 11.03 -0.91
N TYR B 178 -40.25 12.01 -0.80
CA TYR B 178 -41.40 12.14 -1.69
C TYR B 178 -41.01 13.07 -2.83
N GLN B 179 -41.06 12.55 -4.06
CA GLN B 179 -40.72 13.32 -5.25
C GLN B 179 -41.97 13.35 -6.14
N ALA B 180 -42.73 14.43 -6.01
CA ALA B 180 -43.98 14.57 -6.75
C ALA B 180 -43.72 15.09 -8.15
N HIS B 181 -44.25 14.39 -9.15
CA HIS B 181 -44.18 14.82 -10.53
C HIS B 181 -45.42 15.65 -10.87
N GLN B 182 -45.62 15.94 -12.15
CA GLN B 182 -46.77 16.74 -12.56
C GLN B 182 -48.07 15.95 -12.46
N ASP B 183 -48.01 14.63 -12.61
CA ASP B 183 -49.20 13.81 -12.48
C ASP B 183 -49.03 12.66 -11.49
N LYS B 184 -47.86 12.05 -11.43
CA LYS B 184 -47.60 10.95 -10.52
C LYS B 184 -46.69 11.42 -9.40
N VAL B 185 -46.34 10.49 -8.50
CA VAL B 185 -45.47 10.78 -7.37
C VAL B 185 -44.44 9.67 -7.27
N ILE B 186 -43.19 10.06 -6.99
CA ILE B 186 -42.09 9.12 -6.81
C ILE B 186 -41.74 9.10 -5.34
N LYS B 187 -41.81 7.91 -4.74
CA LYS B 187 -41.50 7.72 -3.33
C LYS B 187 -40.17 6.99 -3.23
N ILE B 188 -39.14 7.70 -2.77
CA ILE B 188 -37.82 7.11 -2.55
C ILE B 188 -37.66 6.90 -1.05
N LYS B 189 -37.31 5.68 -0.67
CA LYS B 189 -37.18 5.32 0.74
C LYS B 189 -35.72 5.01 1.04
N ALA B 190 -35.14 5.75 1.97
CA ALA B 190 -33.77 5.48 2.40
C ALA B 190 -33.81 4.29 3.34
N LEU B 191 -33.55 3.10 2.79
CA LEU B 191 -33.62 1.88 3.59
C LEU B 191 -32.48 1.79 4.60
N ASP B 192 -31.44 2.61 4.45
CA ASP B 192 -30.44 2.73 5.51
C ASP B 192 -31.04 3.39 6.76
N SER B 193 -32.02 4.27 6.58
CA SER B 193 -32.66 4.99 7.67
C SER B 193 -33.84 4.24 8.27
N CYS B 194 -34.09 3.01 7.83
CA CYS B 194 -35.24 2.26 8.31
C CYS B 194 -34.99 1.74 9.72
N LYS B 195 -35.95 1.97 10.61
CA LYS B 195 -35.91 1.46 11.97
C LYS B 195 -36.79 0.22 12.02
N ILE B 196 -36.16 -0.95 11.96
CA ILE B 196 -36.87 -2.23 12.02
C ILE B 196 -36.07 -3.15 12.94
N ALA B 197 -36.76 -4.16 13.47
CA ALA B 197 -36.14 -5.09 14.41
C ALA B 197 -35.22 -6.09 13.75
N ARG B 198 -35.18 -6.15 12.42
CA ARG B 198 -34.33 -7.10 11.72
C ARG B 198 -32.86 -6.75 11.91
N SER B 199 -32.04 -7.77 12.10
CA SER B 199 -30.61 -7.59 12.31
C SER B 199 -29.96 -7.18 10.99
N GLY B 200 -29.62 -5.91 10.87
CA GLY B 200 -28.97 -5.42 9.67
C GLY B 200 -27.62 -4.79 9.93
N PHE B 201 -26.56 -5.44 9.46
CA PHE B 201 -25.20 -4.95 9.67
C PHE B 201 -24.34 -5.19 8.44
N LEU B 208 -11.90 -4.84 3.33
CA LEU B 208 -12.61 -6.09 3.60
C LEU B 208 -14.04 -5.81 4.03
N GLY B 209 -14.84 -5.26 3.11
CA GLY B 209 -16.23 -4.93 3.39
C GLY B 209 -17.12 -5.26 2.20
N VAL B 210 -18.42 -5.09 2.43
CA VAL B 210 -19.43 -5.32 1.41
C VAL B 210 -20.19 -4.02 1.20
N SER B 211 -20.14 -3.50 -0.02
CA SER B 211 -20.89 -2.30 -0.38
C SER B 211 -22.30 -2.69 -0.83
N SER B 212 -23.25 -1.80 -0.59
CA SER B 212 -24.63 -2.07 -0.94
C SER B 212 -25.33 -0.78 -1.34
N LYS B 213 -26.40 -0.93 -2.11
CA LYS B 213 -27.31 0.16 -2.43
C LYS B 213 -28.73 -0.36 -2.27
N ALA B 214 -29.62 0.51 -1.83
CA ALA B 214 -30.99 0.13 -1.46
C ALA B 214 -31.99 1.10 -2.08
N THR B 215 -31.85 1.35 -3.38
CA THR B 215 -32.75 2.25 -4.09
C THR B 215 -34.17 1.69 -4.10
N SER B 216 -35.09 2.45 -3.53
CA SER B 216 -36.47 2.00 -3.39
C SER B 216 -37.42 3.01 -4.03
N VAL B 217 -37.11 3.41 -5.26
CA VAL B 217 -37.95 4.34 -6.00
C VAL B 217 -39.30 3.69 -6.26
N THR B 218 -40.36 4.26 -5.70
CA THR B 218 -41.71 3.74 -5.85
C THR B 218 -42.55 4.79 -6.55
N THR B 219 -43.18 4.40 -7.65
CA THR B 219 -44.03 5.29 -8.43
C THR B 219 -45.47 4.90 -8.22
N TYR B 220 -46.27 5.82 -7.68
CA TYR B 220 -47.71 5.66 -7.59
C TYR B 220 -48.30 6.37 -8.81
N LYS B 221 -48.52 5.60 -9.87
CA LYS B 221 -49.18 6.14 -11.05
C LYS B 221 -50.62 6.46 -10.68
N ILE B 222 -50.90 7.75 -10.49
CA ILE B 222 -52.18 8.22 -9.99
C ILE B 222 -52.71 9.26 -10.96
N GLU B 223 -53.92 9.03 -11.47
CA GLU B 223 -54.52 9.91 -12.47
C GLU B 223 -55.54 10.87 -11.86
N ASP B 224 -56.57 10.33 -11.19
CA ASP B 224 -57.68 11.14 -10.72
C ASP B 224 -57.78 11.18 -9.20
N SER B 225 -57.97 10.03 -8.56
CA SER B 225 -58.22 10.06 -7.14
C SER B 225 -57.32 9.13 -6.34
N PHE B 226 -56.97 7.97 -6.89
CA PHE B 226 -56.21 6.98 -6.14
C PHE B 226 -55.30 6.25 -7.12
N VAL B 227 -54.80 5.10 -6.70
CA VAL B 227 -53.85 4.33 -7.50
C VAL B 227 -54.55 3.81 -8.75
N ILE B 228 -54.05 4.18 -9.92
CA ILE B 228 -54.42 3.51 -11.16
C ILE B 228 -53.35 2.53 -11.60
N ALA B 229 -52.12 2.66 -11.09
CA ALA B 229 -51.04 1.72 -11.27
C ALA B 229 -49.98 2.02 -10.24
N VAL B 230 -49.16 1.01 -9.93
CA VAL B 230 -48.03 1.16 -9.02
C VAL B 230 -46.79 0.62 -9.71
N LEU B 231 -45.74 1.44 -9.77
CA LEU B 231 -44.44 1.02 -10.25
C LEU B 231 -43.49 1.14 -9.07
N ALA B 232 -43.45 0.11 -8.24
CA ALA B 232 -42.67 0.11 -7.01
C ALA B 232 -41.39 -0.68 -7.26
N GLU B 233 -40.30 0.03 -7.54
CA GLU B 233 -39.01 -0.59 -7.72
C GLU B 233 -38.32 -0.72 -6.37
N GLU B 234 -37.90 -1.93 -6.04
CA GLU B 234 -37.32 -2.25 -4.74
C GLU B 234 -35.95 -2.92 -4.94
N THR B 235 -35.12 -2.29 -5.77
CA THR B 235 -33.80 -2.81 -6.06
C THR B 235 -32.90 -2.73 -4.83
N HIS B 236 -32.28 -3.86 -4.49
CA HIS B 236 -31.25 -3.91 -3.44
C HIS B 236 -29.95 -4.30 -4.12
N ASN B 237 -29.26 -3.31 -4.67
CA ASN B 237 -28.06 -3.53 -5.45
C ASN B 237 -26.86 -3.59 -4.50
N PHE B 238 -26.43 -4.79 -4.17
CA PHE B 238 -25.30 -4.95 -3.26
C PHE B 238 -24.10 -5.55 -3.99
N ILE B 246 -18.75 -10.62 -7.84
CA ILE B 246 -19.80 -11.27 -7.05
C ILE B 246 -20.78 -10.21 -6.54
N LYS B 247 -21.96 -10.19 -7.13
CA LYS B 247 -22.98 -9.21 -6.77
C LYS B 247 -24.35 -9.78 -7.12
N GLY B 248 -25.38 -9.17 -6.56
CA GLY B 248 -26.74 -9.59 -6.81
C GLY B 248 -27.72 -8.43 -6.85
N LYS B 249 -28.68 -8.50 -7.77
CA LYS B 249 -29.72 -7.48 -7.91
C LYS B 249 -31.05 -8.15 -7.58
N ILE B 250 -31.39 -8.18 -6.30
CA ILE B 250 -32.66 -8.75 -5.85
C ILE B 250 -33.73 -7.66 -5.96
N VAL B 251 -34.75 -7.93 -6.77
CA VAL B 251 -35.73 -6.92 -7.16
C VAL B 251 -37.11 -7.39 -6.70
N SER B 252 -37.83 -6.52 -6.01
CA SER B 252 -39.24 -6.70 -5.71
C SER B 252 -40.05 -5.66 -6.47
N LYS B 253 -41.25 -6.05 -6.89
CA LYS B 253 -42.12 -5.16 -7.65
C LYS B 253 -43.56 -5.58 -7.41
N GLN B 254 -44.46 -4.61 -7.44
CA GLN B 254 -45.88 -4.86 -7.27
C GLN B 254 -46.66 -3.97 -8.22
N LYS B 255 -47.69 -4.55 -8.85
CA LYS B 255 -48.50 -3.84 -9.83
C LYS B 255 -49.96 -3.95 -9.42
N LEU B 256 -50.49 -2.85 -8.88
CA LEU B 256 -51.89 -2.76 -8.49
C LEU B 256 -52.57 -1.77 -9.43
N GLU B 257 -53.44 -2.28 -10.31
CA GLU B 257 -54.08 -1.46 -11.33
C GLU B 257 -55.59 -1.44 -11.11
N LEU B 258 -56.16 -0.25 -11.13
CA LEU B 258 -57.61 -0.10 -11.02
C LEU B 258 -58.25 -0.29 -12.38
N LYS B 259 -59.24 -1.17 -12.45
CA LYS B 259 -59.93 -1.48 -13.70
C LYS B 259 -61.26 -0.74 -13.81
N THR B 260 -62.15 -0.96 -12.85
CA THR B 260 -63.45 -0.28 -12.82
C THR B 260 -64.00 -0.36 -11.40
N THR B 261 -65.05 0.41 -11.16
CA THR B 261 -65.71 0.46 -9.86
C THR B 261 -67.21 0.42 -10.06
N GLU B 262 -67.92 0.03 -8.99
CA GLU B 262 -69.37 -0.07 -9.05
C GLU B 262 -70.02 0.86 -8.04
N MET B 268 -70.42 2.20 7.67
CA MET B 268 -71.27 2.28 8.86
C MET B 268 -71.32 3.72 9.39
N SER B 269 -72.54 4.18 9.68
CA SER B 269 -72.76 5.54 10.15
C SER B 269 -72.30 5.66 11.60
N GLY B 270 -71.53 6.71 11.88
CA GLY B 270 -71.06 6.95 13.23
C GLY B 270 -70.11 8.13 13.32
N LYS B 271 -70.26 8.96 14.35
CA LYS B 271 -69.38 10.11 14.51
C LYS B 271 -68.00 9.69 14.99
N GLN B 272 -67.89 8.51 15.59
CA GLN B 272 -66.62 7.98 16.07
C GLN B 272 -66.30 6.67 15.36
N ALA B 273 -65.04 6.49 14.96
CA ALA B 273 -64.61 5.30 14.26
C ALA B 273 -63.96 4.27 15.17
N ALA B 274 -64.00 4.46 16.49
CA ALA B 274 -63.36 3.52 17.40
C ALA B 274 -64.12 2.21 17.49
N ALA B 275 -65.44 2.28 17.61
CA ALA B 275 -66.25 1.07 17.78
C ALA B 275 -66.70 0.46 16.46
N ILE B 276 -66.45 1.13 15.33
CA ILE B 276 -66.85 0.59 14.04
C ILE B 276 -66.03 -0.64 13.68
N ILE B 277 -64.75 -0.65 14.09
CA ILE B 277 -63.88 -1.80 13.84
C ILE B 277 -64.41 -3.04 14.56
N LYS B 278 -64.84 -2.87 15.82
CA LYS B 278 -65.45 -3.97 16.56
C LYS B 278 -66.81 -4.34 15.98
N ALA B 279 -67.55 -3.36 15.47
CA ALA B 279 -68.90 -3.60 14.97
C ALA B 279 -68.89 -4.47 13.72
N VAL B 280 -67.88 -4.31 12.86
CA VAL B 280 -67.76 -5.17 11.69
C VAL B 280 -67.43 -6.60 12.13
N ASP B 281 -66.44 -6.75 13.00
CA ASP B 281 -66.08 -8.05 13.56
C ASP B 281 -65.37 -7.83 14.88
N SER B 282 -65.69 -8.67 15.86
CA SER B 282 -65.07 -8.53 17.18
C SER B 282 -63.62 -8.95 17.16
N LYS B 283 -63.24 -9.84 16.24
CA LYS B 283 -61.87 -10.34 16.19
C LYS B 283 -60.88 -9.34 15.58
N TYR B 284 -61.37 -8.20 15.07
CA TYR B 284 -60.51 -7.17 14.48
C TYR B 284 -59.77 -6.46 15.60
N THR B 285 -58.64 -7.04 16.00
CA THR B 285 -57.82 -6.54 17.10
C THR B 285 -56.62 -5.77 16.58
N ALA B 286 -55.91 -5.13 17.49
CA ALA B 286 -54.81 -4.25 17.13
C ALA B 286 -53.56 -5.05 16.77
N ILE B 287 -52.96 -4.71 15.63
CA ILE B 287 -51.68 -5.27 15.22
C ILE B 287 -50.87 -4.22 14.48
N PRO B 288 -49.55 -4.30 14.57
CA PRO B 288 -48.71 -3.30 13.91
C PRO B 288 -48.77 -3.37 12.39
N ILE B 289 -48.47 -2.23 11.76
CA ILE B 289 -48.38 -2.18 10.31
C ILE B 289 -47.06 -2.77 9.81
N VAL B 290 -46.06 -2.86 10.67
CA VAL B 290 -44.78 -3.45 10.29
C VAL B 290 -44.86 -4.96 10.41
N GLY B 291 -44.27 -5.67 9.46
CA GLY B 291 -44.27 -7.12 9.48
C GLY B 291 -43.42 -7.65 10.61
N GLN B 292 -43.64 -8.93 10.93
CA GLN B 292 -42.99 -9.58 12.06
C GLN B 292 -42.17 -10.77 11.59
N VAL B 293 -41.26 -11.19 12.45
CA VAL B 293 -40.40 -12.34 12.16
C VAL B 293 -41.20 -13.62 12.31
N PHE B 294 -41.07 -14.52 11.34
CA PHE B 294 -41.82 -15.78 11.34
C PHE B 294 -40.92 -16.91 10.90
N GLN B 295 -41.30 -18.14 11.25
CA GLN B 295 -40.53 -19.29 10.81
C GLN B 295 -41.46 -20.50 10.75
N SER B 296 -42.49 -20.43 9.93
CA SER B 296 -43.47 -21.52 9.86
C SER B 296 -42.84 -22.85 9.52
N HIS B 297 -41.88 -22.85 8.60
CA HIS B 297 -41.28 -24.11 8.17
C HIS B 297 -40.01 -24.46 8.93
N CYS B 298 -39.22 -25.38 8.41
CA CYS B 298 -38.01 -25.80 9.08
C CYS B 298 -37.09 -24.62 9.37
N LYS B 299 -36.88 -23.79 8.36
CA LYS B 299 -36.01 -22.64 8.54
C LYS B 299 -34.66 -23.07 9.07
N GLY B 300 -34.22 -22.47 10.16
CA GLY B 300 -32.92 -22.81 10.72
C GLY B 300 -33.00 -23.93 11.73
N CYS B 301 -33.68 -25.01 11.39
CA CYS B 301 -33.74 -26.16 12.28
C CYS B 301 -32.36 -26.43 12.83
N PRO B 302 -32.25 -26.47 14.16
CA PRO B 302 -30.93 -26.80 14.75
C PRO B 302 -30.44 -28.18 14.35
N SER B 303 -31.22 -29.21 14.71
CA SER B 303 -31.00 -30.61 14.34
C SER B 303 -29.55 -31.04 14.57
N LEU B 304 -29.15 -31.02 15.85
CA LEU B 304 -27.76 -31.25 16.21
C LEU B 304 -27.31 -32.66 15.85
N SER B 305 -28.21 -33.63 15.95
CA SER B 305 -27.88 -34.99 15.52
C SER B 305 -28.05 -35.15 14.02
N GLU B 306 -28.73 -34.21 13.36
CA GLU B 306 -29.04 -34.34 11.95
C GLU B 306 -28.35 -33.28 11.09
N LEU B 307 -28.60 -31.99 11.35
CA LEU B 307 -28.06 -30.95 10.48
C LEU B 307 -26.57 -30.74 10.72
N TRP B 308 -26.13 -30.77 11.98
CA TRP B 308 -24.71 -30.63 12.28
C TRP B 308 -23.93 -31.86 11.84
N ARG B 309 -24.56 -33.04 11.92
CA ARG B 309 -23.90 -34.27 11.47
C ARG B 309 -23.65 -34.26 9.97
N SER B 310 -24.49 -33.54 9.21
CA SER B 310 -24.23 -33.37 7.78
C SER B 310 -22.97 -32.56 7.53
N THR B 311 -22.77 -31.49 8.31
CA THR B 311 -21.59 -30.66 8.16
C THR B 311 -20.45 -31.07 9.10
N ARG B 312 -20.66 -32.11 9.90
CA ARG B 312 -19.59 -32.60 10.77
C ARG B 312 -18.46 -33.22 9.96
N LYS B 313 -18.80 -34.01 8.93
CA LYS B 313 -17.81 -34.64 8.09
C LYS B 313 -17.45 -33.81 6.87
N TYR B 314 -18.02 -32.62 6.73
CA TYR B 314 -17.64 -31.68 5.67
C TYR B 314 -16.79 -30.54 6.20
N LEU B 315 -16.28 -30.64 7.43
CA LEU B 315 -15.39 -29.65 8.00
C LEU B 315 -14.25 -30.33 8.74
N GLN B 316 -13.81 -31.48 8.23
CA GLN B 316 -12.75 -32.24 8.87
C GLN B 316 -11.41 -31.52 8.74
N PRO B 317 -10.50 -31.72 9.70
CA PRO B 317 -9.20 -31.04 9.63
C PRO B 317 -8.31 -31.48 8.48
N ASP B 318 -8.55 -32.65 7.89
CA ASP B 318 -7.69 -33.17 6.85
C ASP B 318 -8.00 -32.61 5.47
N ASN B 319 -9.16 -32.00 5.27
CA ASN B 319 -9.54 -31.45 3.98
C ASN B 319 -9.91 -29.98 4.07
N LEU B 320 -9.27 -29.25 4.98
CA LEU B 320 -9.53 -27.83 5.13
C LEU B 320 -9.07 -27.01 3.91
N SER B 321 -8.14 -27.54 3.12
CA SER B 321 -7.70 -26.83 1.93
C SER B 321 -8.78 -26.81 0.86
N LYS B 322 -9.60 -27.87 0.80
CA LYS B 322 -10.62 -27.99 -0.24
C LYS B 322 -11.73 -26.97 -0.02
N ALA B 323 -12.09 -26.25 -1.08
CA ALA B 323 -13.14 -25.24 -0.99
C ALA B 323 -14.52 -25.86 -0.84
N GLU B 324 -14.67 -27.14 -1.17
CA GLU B 324 -15.94 -27.82 -0.91
C GLU B 324 -16.20 -27.97 0.58
N ALA B 325 -15.14 -28.17 1.36
CA ALA B 325 -15.27 -28.25 2.81
C ALA B 325 -15.68 -26.90 3.39
N VAL B 326 -15.10 -25.81 2.88
CA VAL B 326 -15.38 -24.48 3.40
C VAL B 326 -16.78 -24.00 2.99
N ARG B 327 -17.39 -24.62 1.98
CA ARG B 327 -18.73 -24.21 1.58
C ARG B 327 -19.77 -24.57 2.63
N ASN B 328 -19.59 -25.71 3.30
CA ASN B 328 -20.47 -26.09 4.40
C ASN B 328 -20.19 -25.30 5.68
N PHE B 329 -19.05 -24.61 5.76
CA PHE B 329 -18.73 -23.80 6.93
C PHE B 329 -19.68 -22.61 7.02
N LEU B 330 -19.91 -21.92 5.91
CA LEU B 330 -20.77 -20.74 5.93
C LEU B 330 -22.24 -21.10 6.04
N ALA B 331 -22.63 -22.32 5.67
CA ALA B 331 -24.04 -22.70 5.71
C ALA B 331 -24.51 -22.90 7.15
N PHE B 332 -23.67 -23.50 8.00
CA PHE B 332 -24.08 -23.79 9.37
C PHE B 332 -24.15 -22.53 10.23
N ILE B 333 -23.41 -21.49 9.85
CA ILE B 333 -23.47 -20.23 10.57
C ILE B 333 -24.83 -19.57 10.37
N GLN B 334 -25.39 -19.67 9.15
CA GLN B 334 -26.69 -19.09 8.86
C GLN B 334 -27.81 -19.76 9.66
N HIS B 335 -27.67 -21.06 9.94
CA HIS B 335 -28.64 -21.74 10.79
C HIS B 335 -28.57 -21.25 12.24
N LEU B 336 -27.35 -21.03 12.75
CA LEU B 336 -27.20 -20.68 14.15
C LEU B 336 -27.61 -19.25 14.46
N ARG B 337 -27.67 -18.38 13.46
CA ARG B 337 -28.11 -17.02 13.71
C ARG B 337 -29.61 -16.96 14.03
N THR B 338 -30.40 -17.78 13.35
CA THR B 338 -31.81 -17.96 13.70
C THR B 338 -32.00 -19.19 14.59
N ALA B 339 -31.25 -19.24 15.69
CA ALA B 339 -31.32 -20.36 16.62
C ALA B 339 -31.33 -19.85 18.04
N LYS B 340 -31.99 -20.58 18.93
CA LYS B 340 -32.10 -20.19 20.32
C LYS B 340 -30.82 -20.55 21.08
N LYS B 341 -30.77 -20.10 22.34
CA LYS B 341 -29.56 -20.26 23.15
C LYS B 341 -29.32 -21.72 23.51
N GLU B 342 -30.35 -22.44 23.92
CA GLU B 342 -30.18 -23.83 24.33
C GLU B 342 -29.89 -24.74 23.13
N GLU B 343 -30.35 -24.35 21.94
CA GLU B 343 -30.12 -25.16 20.75
C GLU B 343 -28.65 -25.17 20.37
N ILE B 344 -28.02 -23.99 20.32
CA ILE B 344 -26.61 -23.91 19.98
C ILE B 344 -25.75 -24.51 21.10
N LEU B 345 -26.16 -24.31 22.35
CA LEU B 345 -25.37 -24.79 23.48
C LEU B 345 -25.40 -26.31 23.58
N GLN B 346 -26.48 -26.95 23.12
CA GLN B 346 -26.58 -28.40 23.19
C GLN B 346 -25.63 -29.09 22.22
N ILE B 347 -25.30 -28.42 21.10
CA ILE B 347 -24.41 -29.01 20.10
C ILE B 347 -23.02 -29.24 20.67
N LEU B 348 -22.52 -28.28 21.44
CA LEU B 348 -21.16 -28.36 21.95
C LEU B 348 -21.04 -29.20 23.22
N LYS B 349 -22.14 -29.75 23.72
CA LYS B 349 -22.09 -30.51 24.97
C LYS B 349 -21.27 -31.79 24.83
N MET B 350 -21.42 -32.49 23.70
CA MET B 350 -20.74 -33.77 23.51
C MET B 350 -20.06 -33.87 22.15
N GLU B 351 -19.71 -32.73 21.54
CA GLU B 351 -19.06 -32.74 20.25
C GLU B 351 -17.60 -33.19 20.39
N ASN B 352 -17.04 -33.68 19.29
CA ASN B 352 -15.64 -34.08 19.25
C ASN B 352 -14.74 -32.86 19.22
N LYS B 353 -13.61 -32.94 19.93
CA LYS B 353 -12.72 -31.79 20.04
C LYS B 353 -11.94 -31.55 18.76
N GLU B 354 -11.71 -32.60 17.96
CA GLU B 354 -10.90 -32.47 16.76
C GLU B 354 -11.58 -31.61 15.70
N VAL B 355 -12.91 -31.72 15.58
CA VAL B 355 -13.67 -30.89 14.67
C VAL B 355 -14.28 -29.68 15.39
N LEU B 356 -14.06 -29.56 16.69
CA LEU B 356 -14.64 -28.46 17.46
C LEU B 356 -14.19 -27.06 17.04
N PRO B 357 -12.90 -26.77 16.76
CA PRO B 357 -12.54 -25.38 16.40
C PRO B 357 -13.25 -24.82 15.17
N GLN B 358 -13.62 -25.68 14.22
CA GLN B 358 -14.48 -25.22 13.14
C GLN B 358 -15.86 -24.80 13.67
N LEU B 359 -16.41 -25.60 14.58
CA LEU B 359 -17.69 -25.24 15.19
C LEU B 359 -17.56 -24.02 16.08
N VAL B 360 -16.45 -23.91 16.81
CA VAL B 360 -16.21 -22.74 17.66
C VAL B 360 -16.12 -21.48 16.80
N ASP B 361 -15.42 -21.57 15.66
CA ASP B 361 -15.37 -20.45 14.73
C ASP B 361 -16.75 -20.19 14.12
N ALA B 362 -17.50 -21.25 13.82
CA ALA B 362 -18.83 -21.08 13.23
C ALA B 362 -19.81 -20.43 14.21
N VAL B 363 -19.76 -20.84 15.48
CA VAL B 363 -20.60 -20.21 16.50
C VAL B 363 -20.20 -18.76 16.69
N THR B 364 -18.89 -18.50 16.76
CA THR B 364 -18.42 -17.14 16.97
C THR B 364 -18.69 -16.25 15.76
N SER B 365 -18.79 -16.83 14.58
CA SER B 365 -19.09 -16.05 13.38
C SER B 365 -20.56 -15.69 13.26
N ALA B 366 -21.42 -16.26 14.10
CA ALA B 366 -22.83 -15.88 14.08
C ALA B 366 -23.03 -14.47 14.62
N GLN B 367 -22.43 -14.18 15.79
CA GLN B 367 -22.49 -12.88 16.45
C GLN B 367 -23.93 -12.42 16.70
N THR B 368 -24.65 -13.20 17.50
CA THR B 368 -25.98 -12.85 17.96
C THR B 368 -25.97 -12.78 19.49
N SER B 369 -27.12 -12.46 20.05
CA SER B 369 -27.24 -12.34 21.51
C SER B 369 -27.11 -13.70 22.18
N ASP B 370 -27.81 -14.70 21.66
CA ASP B 370 -27.84 -16.01 22.30
C ASP B 370 -26.56 -16.80 22.03
N SER B 371 -26.01 -16.69 20.82
CA SER B 371 -24.80 -17.45 20.48
C SER B 371 -23.60 -16.95 21.27
N LEU B 372 -23.52 -15.63 21.48
CA LEU B 372 -22.44 -15.07 22.30
C LEU B 372 -22.53 -15.56 23.74
N GLU B 373 -23.74 -15.63 24.28
CA GLU B 373 -23.91 -16.22 25.61
C GLU B 373 -23.60 -17.71 25.59
N ALA B 374 -23.95 -18.39 24.49
CA ALA B 374 -23.70 -19.83 24.39
C ALA B 374 -22.21 -20.14 24.37
N ILE B 375 -21.43 -19.39 23.58
CA ILE B 375 -20.00 -19.68 23.50
C ILE B 375 -19.29 -19.25 24.78
N LEU B 376 -19.76 -18.18 25.44
CA LEU B 376 -19.14 -17.74 26.68
C LEU B 376 -19.44 -18.71 27.82
N ASP B 377 -20.65 -19.26 27.85
CA ASP B 377 -20.96 -20.28 28.86
C ASP B 377 -20.23 -21.58 28.56
N PHE B 378 -20.03 -21.90 27.28
CA PHE B 378 -19.32 -23.12 26.93
C PHE B 378 -17.84 -23.01 27.25
N LEU B 379 -17.21 -21.89 26.90
CA LEU B 379 -15.78 -21.71 27.07
C LEU B 379 -15.50 -21.21 28.48
N ASP B 380 -14.77 -22.02 29.25
CA ASP B 380 -14.32 -21.61 30.58
C ASP B 380 -12.95 -20.98 30.44
N PHE B 381 -12.86 -19.67 30.71
CA PHE B 381 -11.60 -18.96 30.56
C PHE B 381 -10.60 -19.35 31.63
N LYS B 382 -11.08 -19.80 32.79
CA LYS B 382 -10.17 -20.36 33.79
C LYS B 382 -9.60 -21.71 33.37
N SER B 383 -10.30 -22.43 32.50
CA SER B 383 -9.81 -23.73 32.05
C SER B 383 -8.66 -23.55 31.07
N ASP B 384 -7.50 -24.12 31.41
CA ASP B 384 -6.31 -24.00 30.59
C ASP B 384 -6.14 -25.12 29.59
N SER B 385 -7.04 -26.10 29.57
CA SER B 385 -6.92 -27.20 28.61
C SER B 385 -7.36 -26.78 27.22
N SER B 386 -8.34 -25.90 27.11
CA SER B 386 -8.87 -25.46 25.83
C SER B 386 -8.19 -24.16 25.43
N ILE B 387 -6.91 -24.28 25.04
CA ILE B 387 -6.15 -23.11 24.61
C ILE B 387 -6.65 -22.61 23.26
N ILE B 388 -6.84 -23.53 22.32
CA ILE B 388 -7.13 -23.15 20.93
C ILE B 388 -8.54 -22.57 20.82
N LEU B 389 -9.49 -23.15 21.55
CA LEU B 389 -10.90 -22.78 21.39
C LEU B 389 -11.16 -21.33 21.80
N GLN B 390 -10.56 -20.90 22.92
CA GLN B 390 -10.63 -19.48 23.27
C GLN B 390 -9.84 -18.64 22.28
N GLU B 391 -8.68 -19.15 21.82
CA GLU B 391 -7.87 -18.42 20.86
C GLU B 391 -8.60 -18.26 19.53
N ARG B 392 -9.28 -19.32 19.08
CA ARG B 392 -10.14 -19.20 17.91
C ARG B 392 -11.33 -18.30 18.17
N PHE B 393 -11.85 -18.32 19.41
CA PHE B 393 -12.92 -17.41 19.78
C PHE B 393 -12.45 -15.96 19.72
N LEU B 394 -11.26 -15.69 20.26
CA LEU B 394 -10.73 -14.33 20.27
C LEU B 394 -10.45 -13.82 18.87
N TYR B 395 -9.88 -14.68 18.01
CA TYR B 395 -9.57 -14.28 16.65
C TYR B 395 -10.83 -13.97 15.86
N ALA B 396 -11.85 -14.84 15.96
CA ALA B 396 -13.10 -14.62 15.26
C ALA B 396 -13.84 -13.40 15.80
N CYS B 397 -13.75 -13.15 17.10
CA CYS B 397 -14.25 -11.88 17.63
C CYS B 397 -13.44 -10.72 17.10
N GLY B 398 -12.12 -10.89 16.99
CA GLY B 398 -11.30 -9.89 16.33
C GLY B 398 -11.61 -9.75 14.86
N PHE B 399 -11.96 -10.86 14.21
CA PHE B 399 -12.34 -10.86 12.81
C PHE B 399 -13.84 -10.67 12.61
N ALA B 400 -14.59 -10.43 13.68
CA ALA B 400 -16.01 -10.12 13.56
C ALA B 400 -16.18 -8.77 12.90
N SER B 401 -17.00 -8.72 11.85
CA SER B 401 -17.26 -7.45 11.18
C SER B 401 -18.12 -6.53 12.04
N HIS B 402 -18.89 -7.10 12.96
CA HIS B 402 -19.77 -6.35 13.85
C HIS B 402 -19.57 -6.80 15.30
N PRO B 403 -18.47 -6.41 15.94
CA PRO B 403 -18.32 -6.69 17.37
C PRO B 403 -19.27 -5.84 18.19
N ASN B 404 -19.61 -6.35 19.37
CA ASN B 404 -20.59 -5.70 20.23
C ASN B 404 -19.96 -5.33 21.57
N GLU B 405 -20.58 -4.36 22.24
CA GLU B 405 -20.09 -3.87 23.51
C GLU B 405 -20.20 -4.94 24.60
N GLU B 406 -21.25 -5.75 24.55
CA GLU B 406 -21.42 -6.84 25.51
C GLU B 406 -20.30 -7.86 25.39
N LEU B 407 -19.85 -8.12 24.16
CA LEU B 407 -18.63 -8.89 23.96
C LEU B 407 -17.42 -8.17 24.53
N LEU B 408 -17.34 -6.85 24.31
CA LEU B 408 -16.25 -6.06 24.88
C LEU B 408 -16.32 -6.03 26.40
N ARG B 409 -17.52 -5.84 26.95
CA ARG B 409 -17.67 -5.92 28.40
C ARG B 409 -17.36 -7.31 28.93
N ALA B 410 -17.66 -8.34 28.15
CA ALA B 410 -17.23 -9.69 28.51
C ALA B 410 -15.72 -9.81 28.50
N LEU B 411 -15.09 -9.34 27.42
CA LEU B 411 -13.64 -9.45 27.30
C LEU B 411 -12.91 -8.58 28.32
N ILE B 412 -13.49 -7.44 28.68
CA ILE B 412 -12.98 -6.66 29.81
C ILE B 412 -13.11 -7.48 31.08
N SER B 413 -14.26 -8.13 31.28
CA SER B 413 -14.43 -9.02 32.43
C SER B 413 -13.55 -10.25 32.34
N LYS B 414 -13.17 -10.67 31.12
CA LYS B 414 -12.20 -11.74 30.99
C LYS B 414 -10.84 -11.31 31.52
N PHE B 415 -10.41 -10.10 31.15
CA PHE B 415 -9.15 -9.58 31.66
C PHE B 415 -9.23 -9.31 33.16
N LYS B 416 -10.38 -8.84 33.64
CA LYS B 416 -10.60 -8.73 35.07
C LYS B 416 -10.72 -10.10 35.73
N GLY B 417 -11.03 -11.15 34.96
CA GLY B 417 -11.08 -12.49 35.48
C GLY B 417 -9.71 -13.10 35.61
N SER B 418 -9.70 -14.38 36.03
CA SER B 418 -8.45 -15.12 36.23
C SER B 418 -8.22 -16.02 35.04
N ILE B 419 -7.62 -15.46 33.99
CA ILE B 419 -7.26 -16.23 32.81
C ILE B 419 -5.98 -17.01 33.09
N GLY B 420 -6.02 -18.32 32.87
CA GLY B 420 -4.88 -19.17 33.19
C GLY B 420 -3.67 -18.92 32.32
N SER B 421 -3.89 -18.68 31.02
CA SER B 421 -2.80 -18.52 30.07
C SER B 421 -2.53 -17.04 29.84
N SER B 422 -1.28 -16.64 30.06
CA SER B 422 -0.89 -15.24 29.87
C SER B 422 -0.93 -14.86 28.39
N ASP B 423 -0.58 -15.80 27.50
CA ASP B 423 -0.63 -15.53 26.07
C ASP B 423 -2.06 -15.26 25.61
N ILE B 424 -3.02 -16.03 26.13
CA ILE B 424 -4.42 -15.74 25.87
C ILE B 424 -4.82 -14.42 26.53
N ARG B 425 -4.31 -14.17 27.75
CA ARG B 425 -4.56 -12.89 28.40
C ARG B 425 -3.96 -11.75 27.62
N GLU B 426 -2.78 -11.96 27.03
CA GLU B 426 -2.25 -10.99 26.06
C GLU B 426 -3.14 -10.91 24.84
N THR B 427 -3.63 -12.06 24.37
CA THR B 427 -4.48 -12.09 23.17
C THR B 427 -5.81 -11.39 23.41
N VAL B 428 -6.33 -11.49 24.64
CA VAL B 428 -7.57 -10.78 24.98
C VAL B 428 -7.37 -9.28 24.83
N MET B 429 -6.27 -8.76 25.37
CA MET B 429 -6.01 -7.33 25.29
C MET B 429 -5.69 -6.88 23.87
N ILE B 430 -5.04 -7.74 23.08
CA ILE B 430 -4.82 -7.44 21.67
C ILE B 430 -6.16 -7.33 20.94
N ILE B 431 -7.06 -8.27 21.19
CA ILE B 431 -8.40 -8.20 20.62
C ILE B 431 -9.17 -7.03 21.22
N THR B 432 -8.93 -6.73 22.51
CA THR B 432 -9.63 -5.61 23.15
C THR B 432 -9.32 -4.29 22.47
N GLY B 433 -8.06 -4.06 22.13
CA GLY B 433 -7.73 -2.90 21.33
C GLY B 433 -8.33 -2.94 19.94
N THR B 434 -8.44 -4.14 19.36
CA THR B 434 -9.07 -4.28 18.05
C THR B 434 -10.55 -3.94 18.10
N LEU B 435 -11.24 -4.37 19.17
CA LEU B 435 -12.65 -4.01 19.32
C LEU B 435 -12.80 -2.51 19.55
N VAL B 436 -11.91 -1.93 20.35
CA VAL B 436 -11.93 -0.49 20.60
C VAL B 436 -11.68 0.28 19.31
N ARG B 437 -10.73 -0.18 18.50
CA ARG B 437 -10.42 0.47 17.23
C ARG B 437 -11.61 0.42 16.28
N LYS B 438 -12.33 -0.70 16.26
CA LYS B 438 -13.54 -0.77 15.44
C LYS B 438 -14.64 0.11 16.02
N LEU B 439 -14.77 0.17 17.34
CA LEU B 439 -15.84 0.94 17.96
C LEU B 439 -15.55 2.44 17.88
N CYS B 440 -14.31 2.84 18.11
CA CYS B 440 -13.97 4.26 18.03
C CYS B 440 -14.03 4.78 16.60
N GLN B 441 -13.82 3.90 15.62
CA GLN B 441 -14.06 4.25 14.23
C GLN B 441 -15.53 4.12 13.85
N ASN B 442 -16.37 3.62 14.75
CA ASN B 442 -17.82 3.57 14.56
C ASN B 442 -18.56 4.52 15.49
N GLU B 443 -17.90 5.61 15.91
CA GLU B 443 -18.45 6.63 16.82
C GLU B 443 -18.91 6.02 18.14
N GLY B 444 -18.00 5.28 18.78
CA GLY B 444 -18.31 4.64 20.04
C GLY B 444 -17.20 4.74 21.06
N CYS B 445 -16.29 5.70 20.88
CA CYS B 445 -15.16 5.86 21.78
C CYS B 445 -15.59 6.35 23.15
N LYS B 446 -16.76 7.00 23.23
CA LYS B 446 -17.26 7.52 24.49
C LYS B 446 -17.98 6.46 25.32
N LEU B 447 -17.97 5.20 24.87
CA LEU B 447 -18.72 4.15 25.56
C LEU B 447 -18.11 3.85 26.92
N LYS B 448 -18.93 3.28 27.81
CA LYS B 448 -18.47 2.94 29.15
C LYS B 448 -17.45 1.81 29.11
N ALA B 449 -17.57 0.89 28.15
CA ALA B 449 -16.60 -0.19 28.03
C ALA B 449 -15.30 0.30 27.39
N VAL B 450 -15.40 1.20 26.41
CA VAL B 450 -14.24 1.62 25.65
C VAL B 450 -13.26 2.40 26.52
N VAL B 451 -13.77 3.35 27.30
CA VAL B 451 -12.93 4.15 28.20
C VAL B 451 -12.32 3.26 29.28
N GLU B 452 -13.06 2.25 29.73
CA GLU B 452 -12.50 1.25 30.63
C GLU B 452 -11.36 0.49 29.98
N ALA B 453 -11.53 0.15 28.69
CA ALA B 453 -10.48 -0.57 27.98
C ALA B 453 -9.31 0.34 27.63
N LYS B 454 -9.59 1.60 27.29
CA LYS B 454 -8.52 2.55 26.99
C LYS B 454 -7.67 2.84 28.21
N LYS B 455 -8.30 3.00 29.38
CA LYS B 455 -7.56 3.21 30.61
C LYS B 455 -6.78 1.97 31.03
N LEU B 456 -7.21 0.78 30.60
CA LEU B 456 -6.42 -0.42 30.82
C LEU B 456 -5.13 -0.39 30.01
N ILE B 457 -5.21 0.08 28.76
CA ILE B 457 -4.05 0.07 27.88
C ILE B 457 -3.16 1.28 28.15
N LEU B 458 -3.76 2.48 28.20
CA LEU B 458 -2.98 3.69 28.42
C LEU B 458 -2.37 3.71 29.82
N GLY B 459 -3.21 3.48 30.84
CA GLY B 459 -2.71 3.51 32.21
C GLY B 459 -1.75 2.38 32.51
N GLY B 460 -1.99 1.20 31.93
CA GLY B 460 -1.07 0.09 32.11
C GLY B 460 0.28 0.34 31.45
N LEU B 461 0.27 1.01 30.29
CA LEU B 461 1.53 1.32 29.63
C LEU B 461 2.26 2.47 30.33
N GLU B 462 1.53 3.49 30.76
CA GLU B 462 2.14 4.57 31.54
C GLU B 462 2.64 4.07 32.89
N LYS B 463 1.85 3.24 33.56
CA LYS B 463 2.22 2.67 34.86
C LYS B 463 2.39 1.17 34.66
N ALA B 464 3.60 0.76 34.30
CA ALA B 464 3.93 -0.63 34.03
C ALA B 464 4.90 -1.14 35.07
N GLU B 465 4.57 -2.28 35.67
CA GLU B 465 5.44 -2.90 36.68
C GLU B 465 6.04 -4.21 36.22
N LYS B 466 5.62 -4.76 35.08
CA LYS B 466 6.12 -6.01 34.58
C LYS B 466 6.51 -5.86 33.11
N LYS B 467 7.53 -6.63 32.71
CA LYS B 467 8.06 -6.51 31.35
C LYS B 467 7.09 -7.07 30.32
N GLU B 468 6.33 -8.11 30.68
CA GLU B 468 5.38 -8.70 29.74
C GLU B 468 4.18 -7.78 29.52
N ASP B 469 3.77 -7.04 30.55
CA ASP B 469 2.62 -6.14 30.41
C ASP B 469 2.92 -5.01 29.43
N THR B 470 4.16 -4.49 29.46
CA THR B 470 4.56 -3.48 28.50
C THR B 470 4.52 -4.03 27.07
N ARG B 471 5.02 -5.26 26.88
CA ARG B 471 4.96 -5.88 25.57
C ARG B 471 3.52 -6.23 25.18
N MET B 472 2.69 -6.56 26.16
CA MET B 472 1.27 -6.78 25.89
C MET B 472 0.58 -5.50 25.45
N TYR B 473 0.81 -4.41 26.18
CA TYR B 473 0.12 -3.16 25.88
C TYR B 473 0.69 -2.49 24.64
N LEU B 474 1.96 -2.73 24.32
CA LEU B 474 2.50 -2.24 23.05
C LEU B 474 1.82 -2.90 21.87
N LEU B 475 1.59 -4.21 21.95
CA LEU B 475 0.81 -4.89 20.93
C LEU B 475 -0.64 -4.43 20.96
N ALA B 476 -1.15 -4.13 22.16
CA ALA B 476 -2.53 -3.64 22.28
C ALA B 476 -2.66 -2.23 21.72
N LEU B 477 -1.71 -1.35 22.03
CA LEU B 477 -1.77 0.01 21.50
C LEU B 477 -1.54 0.04 20.00
N LYS B 478 -0.80 -0.94 19.47
CA LYS B 478 -0.63 -1.05 18.03
C LYS B 478 -1.95 -1.31 17.34
N ASN B 479 -2.79 -2.18 17.93
CA ASN B 479 -4.14 -2.38 17.39
C ASN B 479 -5.07 -1.24 17.76
N ALA B 480 -4.79 -0.53 18.85
CA ALA B 480 -5.72 0.50 19.33
C ALA B 480 -5.76 1.72 18.42
N LEU B 481 -4.61 2.12 17.88
CA LEU B 481 -4.46 3.32 17.05
C LEU B 481 -4.95 4.56 17.77
N LEU B 482 -4.63 4.67 19.06
CA LEU B 482 -5.04 5.83 19.85
C LEU B 482 -4.05 6.96 19.67
N PRO B 483 -4.51 8.16 19.29
CA PRO B 483 -3.58 9.30 19.15
C PRO B 483 -2.95 9.73 20.46
N GLU B 484 -3.53 9.40 21.61
CA GLU B 484 -2.96 9.78 22.89
C GLU B 484 -1.84 8.87 23.36
N GLY B 485 -1.57 7.77 22.65
CA GLY B 485 -0.43 6.94 22.94
C GLY B 485 0.86 7.37 22.28
N ILE B 486 0.80 8.41 21.43
CA ILE B 486 2.02 8.89 20.75
C ILE B 486 3.07 9.39 21.72
N PRO B 487 2.77 10.21 22.75
CA PRO B 487 3.82 10.54 23.74
C PRO B 487 4.37 9.33 24.47
N SER B 488 3.56 8.30 24.70
CA SER B 488 4.09 7.08 25.28
C SER B 488 4.98 6.33 24.29
N LEU B 489 4.56 6.27 23.03
CA LEU B 489 5.33 5.53 22.02
C LEU B 489 6.67 6.19 21.74
N LEU B 490 6.69 7.52 21.60
CA LEU B 490 7.93 8.24 21.38
C LEU B 490 8.86 8.14 22.58
N LYS B 491 8.29 8.05 23.78
CA LYS B 491 9.08 7.74 24.97
C LYS B 491 9.69 6.35 24.86
N TYR B 492 8.90 5.37 24.44
CA TYR B 492 9.40 4.01 24.31
C TYR B 492 10.26 3.83 23.08
N ALA B 493 10.05 4.64 22.04
CA ALA B 493 10.91 4.56 20.86
C ALA B 493 12.33 5.02 21.20
N GLU B 494 12.47 6.00 22.08
CA GLU B 494 13.76 6.46 22.54
C GLU B 494 14.17 5.85 23.88
N ALA B 495 13.45 4.82 24.34
CA ALA B 495 13.75 4.22 25.64
C ALA B 495 15.07 3.48 25.67
N GLY B 496 15.62 3.11 24.51
CA GLY B 496 16.91 2.48 24.43
C GLY B 496 16.90 0.96 24.45
N GLU B 497 15.75 0.34 24.65
CA GLU B 497 15.64 -1.11 24.59
C GLU B 497 15.20 -1.53 23.19
N GLY B 498 15.87 -2.52 22.63
CA GLY B 498 15.73 -2.88 21.23
C GLY B 498 14.34 -3.34 20.81
N PRO B 499 13.90 -4.51 21.29
CA PRO B 499 12.56 -5.01 20.90
C PRO B 499 11.43 -4.11 21.34
N ILE B 500 11.56 -3.42 22.48
CA ILE B 500 10.51 -2.54 22.96
C ILE B 500 10.35 -1.33 22.03
N SER B 501 11.48 -0.72 21.65
CA SER B 501 11.42 0.46 20.78
C SER B 501 11.04 0.08 19.36
N HIS B 502 11.55 -1.06 18.87
CA HIS B 502 11.23 -1.51 17.52
C HIS B 502 9.75 -1.83 17.38
N LEU B 503 9.17 -2.49 18.39
CA LEU B 503 7.74 -2.72 18.39
C LEU B 503 6.96 -1.41 18.47
N ALA B 504 7.47 -0.47 19.28
CA ALA B 504 6.85 0.84 19.35
C ALA B 504 7.02 1.62 18.04
N THR B 505 8.18 1.49 17.39
CA THR B 505 8.40 2.16 16.12
C THR B 505 7.49 1.60 15.04
N THR B 506 7.35 0.27 14.97
CA THR B 506 6.40 -0.33 14.04
C THR B 506 4.97 0.01 14.40
N ALA B 507 4.68 0.17 15.71
CA ALA B 507 3.39 0.71 16.11
C ALA B 507 3.22 2.15 15.62
N LEU B 508 4.29 2.95 15.71
CA LEU B 508 4.27 4.29 15.13
C LEU B 508 4.17 4.24 13.60
N GLN B 509 4.71 3.18 12.99
CA GLN B 509 4.58 3.01 11.55
C GLN B 509 3.13 2.74 11.15
N ARG B 510 2.35 2.13 12.04
CA ARG B 510 0.92 1.95 11.79
C ARG B 510 0.16 3.27 11.78
N TYR B 511 0.68 4.30 12.44
CA TYR B 511 0.01 5.58 12.48
C TYR B 511 0.11 6.28 11.13
N ASP B 512 -0.87 7.13 10.86
CA ASP B 512 -1.01 7.78 9.57
C ASP B 512 -0.30 9.12 9.55
N LEU B 513 -0.37 9.79 8.39
CA LEU B 513 0.24 11.11 8.24
C LEU B 513 -0.36 12.20 9.16
N PRO B 514 -1.69 12.31 9.35
CA PRO B 514 -2.17 13.29 10.34
C PRO B 514 -1.78 12.96 11.78
N PHE B 515 -1.41 11.73 12.08
CA PHE B 515 -0.98 11.35 13.42
C PHE B 515 0.52 11.46 13.62
N ILE B 516 1.26 11.88 12.59
CA ILE B 516 2.70 12.09 12.70
C ILE B 516 2.98 13.55 12.32
N THR B 517 3.56 14.30 13.27
CA THR B 517 3.83 15.71 13.07
C THR B 517 5.34 15.94 12.93
N ASP B 518 5.72 17.22 12.86
CA ASP B 518 7.13 17.57 12.76
C ASP B 518 7.88 17.21 14.04
N GLU B 519 7.22 17.34 15.19
CA GLU B 519 7.84 17.00 16.46
C GLU B 519 8.04 15.49 16.57
N VAL B 520 7.09 14.70 16.06
CA VAL B 520 7.22 13.25 16.08
C VAL B 520 8.36 12.81 15.17
N LYS B 521 8.47 13.41 13.98
CA LYS B 521 9.57 13.10 13.08
C LYS B 521 10.91 13.54 13.66
N LYS B 522 10.93 14.68 14.36
CA LYS B 522 12.14 15.12 15.04
C LYS B 522 12.51 14.17 16.18
N THR B 523 11.51 13.59 16.85
CA THR B 523 11.78 12.62 17.90
C THR B 523 12.42 11.36 17.32
N LEU B 524 11.91 10.88 16.18
CA LEU B 524 12.50 9.72 15.53
C LEU B 524 13.82 10.03 14.84
N ASN B 525 14.08 11.32 14.58
CA ASN B 525 15.34 11.71 13.94
C ASN B 525 16.54 11.38 14.82
N ARG B 526 16.43 11.63 16.14
CA ARG B 526 17.53 11.33 17.04
C ARG B 526 17.78 9.84 17.16
N ILE B 527 16.76 9.02 16.89
CA ILE B 527 16.96 7.58 16.83
C ILE B 527 17.72 7.21 15.56
N TYR B 528 17.35 7.82 14.43
CA TYR B 528 17.93 7.45 13.14
C TYR B 528 19.29 8.12 12.92
N HIS B 529 19.34 9.45 13.07
CA HIS B 529 20.60 10.18 12.87
C HIS B 529 21.60 9.91 13.99
N GLN B 530 21.15 9.35 15.12
CA GLN B 530 21.98 9.05 16.29
C GLN B 530 22.71 10.31 16.80
N ASN B 531 21.93 11.34 17.06
CA ASN B 531 22.50 12.58 17.59
C ASN B 531 22.95 12.42 19.03
N ARG B 532 22.22 11.64 19.82
CA ARG B 532 22.47 11.56 21.26
C ARG B 532 22.94 10.19 21.74
N LYS B 533 22.53 9.11 21.08
CA LYS B 533 22.91 7.77 21.52
C LYS B 533 22.88 6.82 20.34
N VAL B 534 23.31 5.58 20.61
CA VAL B 534 23.36 4.54 19.60
C VAL B 534 22.08 3.72 19.65
N HIS B 535 21.57 3.34 18.47
CA HIS B 535 20.38 2.52 18.36
C HIS B 535 20.65 1.38 17.40
N GLU B 536 19.84 0.31 17.51
CA GLU B 536 19.94 -0.80 16.59
C GLU B 536 19.43 -0.39 15.20
N LYS B 537 19.98 -1.05 14.18
CA LYS B 537 19.79 -0.61 12.80
C LYS B 537 18.36 -0.83 12.32
N THR B 538 17.67 -1.84 12.85
CA THR B 538 16.28 -2.08 12.45
C THR B 538 15.37 -0.96 12.93
N VAL B 539 15.68 -0.37 14.09
CA VAL B 539 14.88 0.75 14.59
C VAL B 539 15.09 1.99 13.73
N ARG B 540 16.34 2.27 13.37
CA ARG B 540 16.66 3.46 12.59
C ARG B 540 16.06 3.39 11.19
N THR B 541 16.14 2.22 10.54
CA THR B 541 15.55 2.05 9.22
C THR B 541 14.05 2.19 9.27
N ALA B 542 13.42 1.62 10.30
CA ALA B 542 11.98 1.80 10.49
C ALA B 542 11.64 3.26 10.73
N ALA B 543 12.45 3.95 11.53
CA ALA B 543 12.26 5.38 11.74
C ALA B 543 12.47 6.16 10.45
N ALA B 544 13.46 5.76 9.66
CA ALA B 544 13.66 6.39 8.35
C ALA B 544 12.51 6.10 7.41
N ALA B 545 11.93 4.89 7.51
CA ALA B 545 10.78 4.55 6.69
C ALA B 545 9.56 5.39 7.05
N ILE B 546 9.39 5.72 8.34
CA ILE B 546 8.29 6.55 8.77
C ILE B 546 8.44 7.97 8.22
N ILE B 547 9.65 8.53 8.33
CA ILE B 547 9.89 9.91 7.94
C ILE B 547 9.71 10.09 6.44
N LEU B 548 10.24 9.16 5.64
CA LEU B 548 10.13 9.26 4.19
C LEU B 548 8.69 9.08 3.73
N ASN B 549 7.94 8.21 4.39
CA ASN B 549 6.56 7.97 3.99
C ASN B 549 5.63 9.08 4.45
N ASN B 550 5.81 9.58 5.68
CA ASN B 550 4.86 10.50 6.29
C ASN B 550 5.36 11.93 6.14
N ASN B 551 5.24 12.45 4.90
CA ASN B 551 5.49 13.83 4.52
C ASN B 551 6.85 14.36 4.95
N PRO B 552 7.94 13.92 4.33
CA PRO B 552 9.26 14.43 4.71
C PRO B 552 9.47 15.85 4.21
N SER B 553 10.36 16.55 4.89
CA SER B 553 10.74 17.90 4.48
C SER B 553 11.91 17.85 3.50
N TYR B 554 12.25 19.02 2.95
CA TYR B 554 13.34 19.10 1.99
C TYR B 554 14.68 18.76 2.64
N MET B 555 14.91 19.25 3.85
CA MET B 555 16.16 18.94 4.54
C MET B 555 16.18 17.52 5.06
N ASP B 556 15.02 16.96 5.37
CA ASP B 556 14.95 15.58 5.86
C ASP B 556 15.41 14.59 4.80
N VAL B 557 14.95 14.77 3.55
CA VAL B 557 15.43 13.95 2.45
C VAL B 557 16.90 14.26 2.17
N LYS B 558 17.29 15.53 2.33
CA LYS B 558 18.67 15.94 2.07
C LYS B 558 19.65 15.26 3.02
N ASN B 559 19.30 15.17 4.30
CA ASN B 559 20.21 14.57 5.27
C ASN B 559 20.27 13.05 5.16
N ILE B 560 19.18 12.41 4.72
CA ILE B 560 19.15 10.96 4.64
C ILE B 560 20.05 10.45 3.52
N LEU B 561 20.00 11.10 2.35
CA LEU B 561 20.81 10.67 1.22
C LEU B 561 22.30 10.88 1.50
N LEU B 562 22.64 11.95 2.23
CA LEU B 562 24.02 12.17 2.63
C LEU B 562 24.50 11.14 3.64
N SER B 563 23.59 10.51 4.38
CA SER B 563 23.98 9.45 5.31
C SER B 563 24.38 8.17 4.59
N ILE B 564 23.96 8.01 3.34
CA ILE B 564 24.26 6.78 2.60
C ILE B 564 25.74 6.73 2.28
N GLY B 565 26.38 5.62 2.63
CA GLY B 565 27.81 5.47 2.45
C GLY B 565 28.54 5.56 3.77
N GLU B 566 28.15 6.51 4.61
CA GLU B 566 28.75 6.63 5.95
C GLU B 566 28.23 5.53 6.88
N LEU B 567 27.02 5.08 6.66
CA LEU B 567 26.46 3.95 7.39
C LEU B 567 27.16 2.66 6.96
N PRO B 568 27.04 1.59 7.74
CA PRO B 568 27.55 0.29 7.28
C PRO B 568 26.83 -0.17 6.01
N GLN B 569 27.55 -0.95 5.21
CA GLN B 569 27.09 -1.33 3.87
C GLN B 569 25.83 -2.20 3.92
N GLU B 570 25.62 -2.92 5.02
CA GLU B 570 24.37 -3.66 5.20
C GLU B 570 23.18 -2.71 5.25
N MET B 571 23.30 -1.62 6.00
CA MET B 571 22.25 -0.62 6.05
C MET B 571 22.25 0.26 4.80
N ASN B 572 23.43 0.46 4.19
CA ASN B 572 23.54 1.33 3.03
C ASN B 572 22.77 0.78 1.83
N LYS B 573 22.86 -0.53 1.61
CA LYS B 573 22.15 -1.14 0.49
C LYS B 573 20.64 -1.04 0.67
N TYR B 574 20.16 -1.27 1.90
CA TYR B 574 18.73 -1.17 2.16
C TYR B 574 18.23 0.26 2.06
N MET B 575 18.98 1.21 2.65
CA MET B 575 18.57 2.61 2.64
C MET B 575 18.58 3.18 1.23
N LEU B 576 19.56 2.77 0.42
CA LEU B 576 19.55 3.14 -1.00
C LEU B 576 18.35 2.53 -1.71
N ALA B 577 18.05 1.26 -1.41
CA ALA B 577 16.94 0.57 -2.07
C ALA B 577 15.58 1.15 -1.67
N ILE B 578 15.49 1.70 -0.46
CA ILE B 578 14.25 2.34 -0.04
C ILE B 578 13.98 3.59 -0.87
N VAL B 579 15.00 4.44 -1.02
CA VAL B 579 14.87 5.62 -1.86
C VAL B 579 14.73 5.22 -3.34
N GLN B 580 15.40 4.14 -3.74
CA GLN B 580 15.21 3.62 -5.09
C GLN B 580 13.78 3.14 -5.31
N ASP B 581 13.20 2.48 -4.30
CA ASP B 581 11.80 2.06 -4.42
C ASP B 581 10.86 3.25 -4.34
N ILE B 582 11.28 4.33 -3.70
CA ILE B 582 10.48 5.56 -3.70
C ILE B 582 10.40 6.15 -5.10
N LEU B 583 11.52 6.16 -5.83
CA LEU B 583 11.56 6.75 -7.16
C LEU B 583 10.80 5.90 -8.17
N ARG B 584 10.87 4.57 -8.05
CA ARG B 584 10.25 3.69 -9.03
C ARG B 584 8.73 3.75 -8.97
N PHE B 585 8.17 3.86 -7.77
CA PHE B 585 6.73 3.75 -7.59
C PHE B 585 6.00 5.07 -7.82
N GLU B 586 6.73 6.15 -8.10
CA GLU B 586 6.19 7.49 -8.33
C GLU B 586 5.34 7.95 -7.15
N MET B 587 5.91 7.83 -5.95
CA MET B 587 5.22 8.23 -4.73
C MET B 587 5.10 9.76 -4.69
N PRO B 588 4.09 10.29 -3.98
CA PRO B 588 4.03 11.75 -3.79
C PRO B 588 5.21 12.31 -3.01
N ALA B 589 5.87 11.51 -2.18
CA ALA B 589 7.08 11.94 -1.50
C ALA B 589 8.29 12.00 -2.42
N SER B 590 8.24 11.31 -3.56
CA SER B 590 9.38 11.29 -4.48
C SER B 590 9.60 12.64 -5.16
N LYS B 591 8.58 13.50 -5.20
CA LYS B 591 8.75 14.84 -5.76
C LYS B 591 9.73 15.67 -4.94
N ILE B 592 9.67 15.53 -3.61
CA ILE B 592 10.65 16.17 -2.74
C ILE B 592 12.02 15.52 -2.93
N VAL B 593 12.05 14.20 -3.11
CA VAL B 593 13.30 13.49 -3.37
C VAL B 593 13.89 13.94 -4.71
N ARG B 594 13.03 14.19 -5.71
CA ARG B 594 13.49 14.68 -6.99
C ARG B 594 14.12 16.07 -6.88
N ARG B 595 13.55 16.93 -6.02
CA ARG B 595 14.14 18.24 -5.81
C ARG B 595 15.47 18.15 -5.07
N VAL B 596 15.62 17.17 -4.17
CA VAL B 596 16.91 16.95 -3.53
C VAL B 596 17.91 16.38 -4.53
N LEU B 597 17.47 15.41 -5.34
CA LEU B 597 18.34 14.80 -6.34
C LEU B 597 18.65 15.72 -7.52
N LYS B 598 17.97 16.87 -7.62
CA LYS B 598 18.27 17.82 -8.68
C LYS B 598 19.68 18.38 -8.55
N GLU B 599 20.14 18.59 -7.32
CA GLU B 599 21.51 19.02 -7.11
C GLU B 599 22.49 17.89 -7.38
N MET B 600 23.71 18.26 -7.75
CA MET B 600 24.73 17.28 -8.09
C MET B 600 25.28 16.56 -6.86
N VAL B 601 25.12 17.14 -5.67
CA VAL B 601 25.68 16.53 -4.46
C VAL B 601 24.86 15.32 -4.01
N ALA B 602 23.64 15.14 -4.52
CA ALA B 602 22.82 14.00 -4.16
C ALA B 602 22.65 13.01 -5.30
N HIS B 603 22.80 13.43 -6.55
CA HIS B 603 22.65 12.56 -7.71
C HIS B 603 23.94 11.87 -8.11
N ASN B 604 24.99 11.98 -7.29
CA ASN B 604 26.29 11.41 -7.61
C ASN B 604 26.25 9.89 -7.53
N TYR B 605 27.01 9.25 -8.43
CA TYR B 605 27.03 7.79 -8.50
C TYR B 605 27.89 7.16 -7.42
N ASP B 606 28.61 7.94 -6.63
CA ASP B 606 29.38 7.37 -5.52
C ASP B 606 28.46 6.77 -4.46
N ARG B 607 27.39 7.49 -4.12
CA ARG B 607 26.42 6.97 -3.16
C ARG B 607 25.48 5.95 -3.79
N PHE B 608 25.14 6.12 -5.08
CA PHE B 608 24.23 5.22 -5.76
C PHE B 608 24.84 3.86 -6.07
N SER B 609 26.16 3.73 -5.99
CA SER B 609 26.84 2.46 -6.22
C SER B 609 27.21 1.87 -4.87
N ARG B 610 26.53 0.79 -4.49
CA ARG B 610 26.77 0.13 -3.21
C ARG B 610 26.74 -1.37 -3.40
N SER B 611 27.72 -2.07 -2.82
CA SER B 611 27.79 -3.52 -2.89
C SER B 611 27.11 -4.09 -1.65
N GLY B 612 25.89 -4.59 -1.82
CA GLY B 612 25.14 -5.12 -0.70
C GLY B 612 24.17 -6.20 -1.15
N SER B 613 23.46 -6.77 -0.18
CA SER B 613 22.54 -7.86 -0.42
C SER B 613 21.09 -7.51 -0.14
N SER B 614 20.81 -6.40 0.54
CA SER B 614 19.45 -6.04 0.88
C SER B 614 18.69 -5.56 -0.36
N SER B 615 17.37 -5.51 -0.23
CA SER B 615 16.51 -5.14 -1.35
C SER B 615 15.24 -4.48 -0.83
N ALA B 616 14.58 -3.73 -1.72
CA ALA B 616 13.31 -3.09 -1.41
C ALA B 616 12.55 -2.92 -2.72
N TYR B 617 11.59 -3.82 -2.93
CA TYR B 617 10.81 -3.78 -4.16
C TYR B 617 9.32 -3.70 -3.89
N THR B 618 8.61 -2.97 -4.72
CA THR B 618 7.17 -2.81 -4.60
C THR B 618 6.54 -2.85 -5.99
N GLY B 619 5.46 -3.61 -6.14
CA GLY B 619 4.81 -3.75 -7.42
C GLY B 619 3.33 -3.97 -7.28
N TYR B 620 2.66 -4.08 -8.43
CA TYR B 620 1.22 -4.29 -8.50
C TYR B 620 0.94 -5.71 -8.92
N ILE B 621 0.25 -6.48 -8.07
CA ILE B 621 -0.32 -7.74 -8.52
C ILE B 621 -1.46 -7.48 -9.50
N GLU B 622 -2.36 -6.57 -9.14
CA GLU B 622 -3.42 -6.12 -10.03
C GLU B 622 -3.57 -4.62 -9.89
N ARG B 623 -3.99 -3.97 -10.96
CA ARG B 623 -4.20 -2.52 -10.94
C ARG B 623 -5.30 -2.16 -11.93
N SER B 624 -6.18 -1.27 -11.50
CA SER B 624 -7.25 -0.71 -12.31
C SER B 624 -7.37 0.76 -11.97
N PRO B 625 -7.92 1.58 -12.87
CA PRO B 625 -8.11 3.00 -12.55
C PRO B 625 -9.09 3.25 -11.41
N ARG B 626 -9.96 2.29 -11.08
CA ARG B 626 -10.87 2.43 -9.96
C ARG B 626 -10.26 1.94 -8.65
N SER B 627 -9.54 0.83 -8.67
CA SER B 627 -8.94 0.26 -7.47
C SER B 627 -7.73 -0.55 -7.87
N ALA B 628 -6.85 -0.81 -6.89
CA ALA B 628 -5.63 -1.55 -7.15
C ALA B 628 -5.21 -2.31 -5.92
N SER B 629 -4.39 -3.33 -6.14
CA SER B 629 -3.81 -4.13 -5.07
C SER B 629 -2.30 -4.15 -5.24
N THR B 630 -1.57 -3.85 -4.17
CA THR B 630 -0.12 -3.75 -4.20
C THR B 630 0.50 -4.77 -3.26
N TYR B 631 1.76 -5.11 -3.55
CA TYR B 631 2.54 -6.00 -2.71
C TYR B 631 3.97 -5.51 -2.68
N SER B 632 4.69 -5.89 -1.63
CA SER B 632 6.09 -5.49 -1.49
C SER B 632 6.82 -6.52 -0.65
N LEU B 633 8.15 -6.57 -0.85
CA LEU B 633 9.01 -7.49 -0.10
C LEU B 633 10.36 -6.81 0.10
N ASP B 634 10.52 -6.06 1.19
CA ASP B 634 11.73 -5.30 1.49
C ASP B 634 12.50 -6.07 2.56
N ILE B 635 13.44 -6.89 2.14
CA ILE B 635 14.21 -7.74 3.03
C ILE B 635 15.55 -7.07 3.31
N LEU B 636 15.87 -6.91 4.60
CA LEU B 636 17.13 -6.35 5.05
C LEU B 636 17.97 -7.47 5.66
N TYR B 637 19.20 -7.60 5.18
CA TYR B 637 20.11 -8.63 5.68
C TYR B 637 21.16 -8.00 6.58
N SER B 638 21.93 -8.86 7.26
CA SER B 638 22.99 -8.41 8.13
C SER B 638 24.24 -8.09 7.32
N GLY B 639 25.32 -7.74 8.03
CA GLY B 639 26.59 -7.53 7.37
C GLY B 639 27.15 -8.80 6.75
N SER B 640 26.90 -9.94 7.38
CA SER B 640 27.29 -11.23 6.84
C SER B 640 26.23 -11.81 5.89
N GLY B 641 25.12 -11.10 5.69
CA GLY B 641 24.06 -11.55 4.81
C GLY B 641 22.94 -12.31 5.47
N ILE B 642 22.99 -12.52 6.79
CA ILE B 642 21.92 -13.21 7.48
C ILE B 642 20.69 -12.31 7.52
N LEU B 643 19.52 -12.92 7.30
CA LEU B 643 18.26 -12.17 7.29
C LEU B 643 17.97 -11.59 8.67
N ARG B 644 17.56 -10.32 8.70
CA ARG B 644 17.29 -9.62 9.94
C ARG B 644 15.83 -9.19 10.05
N ARG B 645 15.30 -8.48 9.04
CA ARG B 645 13.92 -8.03 9.08
C ARG B 645 13.37 -8.07 7.65
N SER B 646 12.63 -9.13 7.34
CA SER B 646 12.00 -9.30 6.03
C SER B 646 10.52 -8.93 6.16
N ASN B 647 10.11 -7.89 5.44
CA ASN B 647 8.75 -7.36 5.53
C ASN B 647 7.97 -7.77 4.29
N LEU B 648 7.23 -8.87 4.39
CA LEU B 648 6.32 -9.31 3.33
C LEU B 648 4.98 -8.65 3.56
N ASN B 649 4.68 -7.61 2.77
CA ASN B 649 3.50 -6.80 2.94
C ASN B 649 2.50 -7.09 1.82
N ILE B 650 1.24 -7.31 2.19
CA ILE B 650 0.16 -7.52 1.25
C ILE B 650 -0.87 -6.43 1.48
N PHE B 651 -1.12 -5.63 0.46
CA PHE B 651 -2.00 -4.47 0.59
C PHE B 651 -3.12 -4.52 -0.45
N GLN B 652 -4.25 -3.91 -0.11
CA GLN B 652 -5.38 -3.79 -1.01
C GLN B 652 -5.95 -2.39 -0.88
N TYR B 653 -6.35 -1.81 -2.01
CA TYR B 653 -6.88 -0.45 -2.03
C TYR B 653 -8.15 -0.42 -2.88
N ILE B 654 -9.10 0.41 -2.47
CA ILE B 654 -10.37 0.57 -3.16
C ILE B 654 -10.63 2.06 -3.28
N GLY B 655 -10.30 2.64 -4.43
CA GLY B 655 -10.48 4.08 -4.60
C GLY B 655 -9.51 4.86 -3.74
N LYS B 656 -10.04 5.82 -2.99
CA LYS B 656 -9.19 6.59 -2.08
C LYS B 656 -8.81 5.77 -0.85
N ALA B 657 -9.72 4.93 -0.37
CA ALA B 657 -9.46 4.14 0.82
C ALA B 657 -8.61 2.93 0.50
N GLY B 658 -8.11 2.28 1.54
CA GLY B 658 -7.29 1.09 1.39
C GLY B 658 -7.20 0.34 2.69
N LEU B 659 -7.02 -0.99 2.58
CA LEU B 659 -6.96 -1.87 3.74
C LEU B 659 -5.70 -2.71 3.65
N HIS B 660 -4.95 -2.76 4.74
CA HIS B 660 -3.76 -3.60 4.83
C HIS B 660 -4.23 -5.05 4.94
N GLY B 661 -4.18 -5.77 3.82
CA GLY B 661 -4.72 -7.12 3.79
C GLY B 661 -3.95 -8.11 4.66
N SER B 662 -2.62 -8.08 4.55
CA SER B 662 -1.80 -9.01 5.31
C SER B 662 -0.38 -8.47 5.42
N GLN B 663 0.33 -8.97 6.42
CA GLN B 663 1.75 -8.67 6.58
C GLN B 663 2.37 -9.77 7.41
N VAL B 664 3.32 -10.51 6.83
CA VAL B 664 4.08 -11.52 7.54
C VAL B 664 5.52 -11.03 7.61
N VAL B 665 5.99 -10.76 8.83
CA VAL B 665 7.34 -10.25 9.05
C VAL B 665 8.15 -11.35 9.73
N ILE B 666 9.16 -11.84 9.03
CA ILE B 666 10.07 -12.86 9.56
C ILE B 666 11.33 -12.17 10.03
N GLU B 667 11.67 -12.35 11.31
CA GLU B 667 12.81 -11.69 11.91
C GLU B 667 13.75 -12.72 12.52
N ALA B 668 15.05 -12.52 12.33
CA ALA B 668 16.06 -13.41 12.87
C ALA B 668 17.22 -12.59 13.41
N GLN B 669 17.93 -13.17 14.37
CA GLN B 669 19.07 -12.50 14.99
C GLN B 669 20.04 -13.54 15.51
N GLY B 670 21.33 -13.35 15.23
CA GLY B 670 22.35 -14.28 15.67
C GLY B 670 22.75 -15.27 14.59
N TYR B 689 17.48 -14.80 17.95
CA TYR B 689 16.17 -15.42 18.08
C TYR B 689 15.54 -15.62 16.71
N ALA B 690 14.38 -16.28 16.69
CA ALA B 690 13.63 -16.48 15.47
C ALA B 690 12.15 -16.29 15.78
N GLY B 691 11.54 -15.28 15.17
CA GLY B 691 10.14 -14.99 15.43
C GLY B 691 9.46 -14.47 14.17
N MET B 692 8.13 -14.56 14.19
CA MET B 692 7.32 -14.08 13.08
C MET B 692 6.18 -13.22 13.61
N SER B 693 5.80 -12.23 12.80
CA SER B 693 4.68 -11.35 13.10
C SER B 693 3.63 -11.50 12.01
N ALA B 694 2.39 -11.74 12.42
CA ALA B 694 1.30 -12.00 11.50
C ALA B 694 0.27 -10.88 11.59
N ILE B 695 -0.11 -10.33 10.44
CA ILE B 695 -1.19 -9.35 10.33
C ILE B 695 -2.20 -9.90 9.34
N LEU B 696 -3.48 -9.87 9.71
CA LEU B 696 -4.56 -10.34 8.84
C LEU B 696 -5.68 -9.30 8.86
N PHE B 697 -5.76 -8.52 7.77
CA PHE B 697 -6.86 -7.60 7.49
C PHE B 697 -7.03 -6.56 8.60
N ASP B 698 -6.00 -5.71 8.72
CA ASP B 698 -5.90 -4.62 9.69
C ASP B 698 -5.96 -5.11 11.13
N VAL B 699 -5.58 -6.36 11.39
CA VAL B 699 -5.58 -6.92 12.73
C VAL B 699 -4.19 -7.49 12.97
N GLN B 700 -3.40 -6.79 13.79
CA GLN B 700 -2.13 -7.34 14.26
C GLN B 700 -2.41 -8.50 15.19
N LEU B 701 -2.02 -9.70 14.77
CA LEU B 701 -2.21 -10.87 15.61
C LEU B 701 -1.13 -10.94 16.68
N ARG B 702 -1.18 -11.97 17.49
CA ARG B 702 -0.10 -12.20 18.43
C ARG B 702 1.12 -12.68 17.65
N PRO B 703 2.25 -11.98 17.74
CA PRO B 703 3.46 -12.46 17.05
C PRO B 703 3.95 -13.76 17.67
N VAL B 704 4.47 -14.63 16.83
CA VAL B 704 4.88 -15.97 17.22
C VAL B 704 6.39 -16.06 17.15
N THR B 705 7.00 -16.54 18.23
CA THR B 705 8.44 -16.78 18.28
C THR B 705 8.68 -18.27 18.06
N PHE B 706 9.51 -18.60 17.06
CA PHE B 706 9.81 -20.00 16.78
C PHE B 706 10.59 -20.64 17.92
N PHE B 707 11.68 -20.01 18.34
CA PHE B 707 12.45 -20.45 19.50
C PHE B 707 13.27 -19.28 20.01
N ASN B 708 13.74 -19.41 21.26
CA ASN B 708 14.57 -18.40 21.87
C ASN B 708 15.49 -19.07 22.89
N GLY B 709 16.75 -18.64 22.91
CA GLY B 709 17.72 -19.19 23.84
C GLY B 709 18.17 -20.59 23.50
N SER B 726 1.89 -26.33 11.00
CA SER B 726 0.70 -25.83 11.68
C SER B 726 1.05 -24.65 12.58
N VAL B 727 1.95 -23.80 12.11
CA VAL B 727 2.34 -22.62 12.88
C VAL B 727 1.19 -21.63 12.97
N VAL B 728 0.57 -21.32 11.83
CA VAL B 728 -0.64 -20.52 11.76
C VAL B 728 -1.68 -21.31 11.00
N LYS B 729 -2.81 -21.59 11.64
CA LYS B 729 -3.85 -22.42 11.04
C LYS B 729 -5.20 -21.99 11.60
N GLY B 730 -6.14 -21.69 10.71
CA GLY B 730 -7.45 -21.29 11.14
C GLY B 730 -8.48 -21.11 10.04
N LEU B 731 -9.71 -21.51 10.32
CA LEU B 731 -10.85 -21.30 9.44
C LEU B 731 -11.65 -20.14 9.99
N ILE B 732 -11.76 -19.06 9.22
CA ILE B 732 -12.30 -17.80 9.71
C ILE B 732 -13.13 -17.12 8.63
N LEU B 733 -13.94 -16.16 9.07
CA LEU B 733 -14.77 -15.33 8.20
C LEU B 733 -14.03 -14.04 7.87
N LEU B 734 -14.37 -13.46 6.72
CA LEU B 734 -13.85 -12.15 6.33
C LEU B 734 -14.93 -11.07 6.35
N ILE B 735 -16.02 -11.29 5.62
CA ILE B 735 -17.07 -10.30 5.47
C ILE B 735 -18.40 -10.93 5.84
N ASP B 736 -19.35 -10.09 6.23
CA ASP B 736 -20.69 -10.55 6.58
C ASP B 736 -21.66 -9.39 6.40
N HIS B 737 -22.49 -9.47 5.36
CA HIS B 737 -23.56 -8.50 5.12
C HIS B 737 -24.87 -9.27 5.17
N SER B 738 -25.60 -9.14 6.29
CA SER B 738 -26.78 -9.94 6.52
C SER B 738 -28.00 -9.07 6.80
N GLN B 739 -28.20 -8.04 5.98
CA GLN B 739 -29.32 -7.12 6.15
C GLN B 739 -30.61 -7.82 5.74
N GLU B 740 -31.37 -8.27 6.75
CA GLU B 740 -32.65 -8.91 6.51
C GLU B 740 -33.67 -7.86 6.10
N LEU B 741 -33.85 -7.66 4.80
CA LEU B 741 -34.75 -6.63 4.32
C LEU B 741 -36.20 -7.04 4.54
N GLN B 742 -37.06 -6.04 4.74
CA GLN B 742 -38.50 -6.18 4.65
C GLN B 742 -38.94 -5.38 3.43
N LEU B 743 -39.39 -6.07 2.40
CA LEU B 743 -39.69 -5.41 1.13
C LEU B 743 -41.00 -4.64 1.21
N GLN B 744 -41.16 -3.68 0.31
CA GLN B 744 -42.33 -2.82 0.31
C GLN B 744 -43.60 -3.59 -0.03
N SER B 745 -43.48 -4.67 -0.80
CA SER B 745 -44.62 -5.50 -1.15
C SER B 745 -45.05 -6.44 -0.02
N GLY B 746 -44.37 -6.40 1.11
CA GLY B 746 -44.67 -7.31 2.20
C GLY B 746 -43.90 -8.60 2.19
N LEU B 747 -42.74 -8.64 1.56
CA LEU B 747 -41.97 -9.86 1.38
C LEU B 747 -40.72 -9.85 2.24
N LYS B 748 -40.33 -11.05 2.69
CA LYS B 748 -39.18 -11.24 3.55
C LYS B 748 -37.96 -11.54 2.68
N ALA B 749 -37.04 -10.60 2.60
CA ALA B 749 -35.82 -10.72 1.81
C ALA B 749 -34.62 -10.83 2.76
N ASN B 750 -33.90 -11.95 2.67
CA ASN B 750 -32.72 -12.18 3.49
C ASN B 750 -31.50 -12.10 2.59
N ILE B 751 -30.84 -10.95 2.57
CA ILE B 751 -29.62 -10.73 1.80
C ILE B 751 -28.45 -11.12 2.69
N GLU B 752 -27.95 -12.35 2.53
CA GLU B 752 -26.87 -12.87 3.35
C GLU B 752 -25.66 -13.12 2.46
N VAL B 753 -24.60 -12.33 2.66
CA VAL B 753 -23.35 -12.47 1.93
C VAL B 753 -22.26 -12.80 2.95
N GLN B 754 -21.60 -13.95 2.76
CA GLN B 754 -20.57 -14.40 3.67
C GLN B 754 -19.31 -14.75 2.88
N GLY B 755 -18.16 -14.39 3.43
CA GLY B 755 -16.89 -14.74 2.83
C GLY B 755 -15.91 -15.29 3.86
N GLY B 756 -15.50 -16.54 3.68
CA GLY B 756 -14.62 -17.19 4.63
C GLY B 756 -13.43 -17.83 3.93
N LEU B 757 -12.44 -18.21 4.74
CA LEU B 757 -11.24 -18.86 4.21
C LEU B 757 -10.63 -19.75 5.27
N ALA B 758 -9.84 -20.70 4.82
CA ALA B 758 -9.05 -21.57 5.69
C ALA B 758 -7.58 -21.36 5.38
N ILE B 759 -6.80 -21.03 6.40
CA ILE B 759 -5.38 -20.72 6.23
C ILE B 759 -4.56 -21.82 6.91
N ASP B 760 -3.39 -22.09 6.33
CA ASP B 760 -2.45 -23.05 6.91
C ASP B 760 -1.04 -22.55 6.57
N ILE B 761 -0.46 -21.80 7.50
CA ILE B 761 0.85 -21.20 7.32
C ILE B 761 1.82 -21.93 8.25
N SER B 762 2.76 -22.67 7.66
CA SER B 762 3.77 -23.39 8.41
C SER B 762 5.14 -23.05 7.85
N GLY B 763 6.11 -22.92 8.75
CA GLY B 763 7.46 -22.54 8.37
C GLY B 763 8.45 -23.66 8.67
N ALA B 764 9.21 -24.05 7.65
CA ALA B 764 10.21 -25.10 7.78
C ALA B 764 11.52 -24.61 7.19
N MET B 765 12.60 -24.77 7.95
CA MET B 765 13.92 -24.32 7.51
C MET B 765 14.79 -25.51 7.12
N LYS B 775 17.55 -23.15 3.23
CA LYS B 775 16.32 -23.43 2.52
C LYS B 775 15.11 -23.30 3.44
N THR B 776 14.41 -22.18 3.35
CA THR B 776 13.25 -21.90 4.16
C THR B 776 12.12 -21.39 3.27
N ARG B 777 10.90 -21.84 3.56
CA ARG B 777 9.73 -21.44 2.79
C ARG B 777 8.62 -20.98 3.72
N VAL B 778 7.83 -20.03 3.24
CA VAL B 778 6.66 -19.51 3.96
C VAL B 778 5.49 -19.55 3.00
N LYS B 779 4.43 -20.28 3.38
CA LYS B 779 3.26 -20.46 2.55
C LYS B 779 2.14 -19.53 2.99
N ASN B 780 1.38 -19.03 2.02
CA ASN B 780 0.21 -18.19 2.28
C ASN B 780 -0.97 -18.79 1.52
N ARG B 781 -1.66 -19.73 2.15
CA ARG B 781 -2.74 -20.48 1.52
C ARG B 781 -4.06 -19.78 1.78
N VAL B 782 -4.69 -19.28 0.72
CA VAL B 782 -5.93 -18.51 0.81
C VAL B 782 -6.98 -19.20 -0.03
N THR B 783 -8.13 -19.50 0.58
CA THR B 783 -9.26 -20.14 -0.10
C THR B 783 -10.48 -19.26 0.08
N VAL B 784 -10.65 -18.28 -0.80
CA VAL B 784 -11.79 -17.36 -0.71
C VAL B 784 -13.03 -18.08 -1.20
N VAL B 785 -14.00 -18.25 -0.31
CA VAL B 785 -15.28 -18.88 -0.64
C VAL B 785 -16.38 -17.88 -0.31
N ILE B 786 -16.99 -17.31 -1.33
CA ILE B 786 -18.05 -16.32 -1.18
C ILE B 786 -19.37 -17.00 -1.55
N THR B 787 -20.29 -17.07 -0.59
CA THR B 787 -21.60 -17.69 -0.80
C THR B 787 -22.66 -16.60 -0.65
N THR B 788 -22.97 -15.94 -1.76
CA THR B 788 -23.97 -14.89 -1.77
C THR B 788 -25.36 -15.50 -1.91
N ASP B 789 -26.24 -15.20 -0.96
CA ASP B 789 -27.59 -15.74 -0.95
C ASP B 789 -28.61 -14.61 -0.87
N ILE B 790 -29.66 -14.71 -1.68
CA ILE B 790 -30.80 -13.81 -1.56
C ILE B 790 -32.08 -14.62 -1.69
N THR B 791 -32.71 -14.94 -0.57
CA THR B 791 -33.89 -15.77 -0.52
C THR B 791 -35.11 -14.94 -0.15
N VAL B 792 -36.19 -15.10 -0.92
CA VAL B 792 -37.45 -14.42 -0.66
C VAL B 792 -38.47 -15.49 -0.26
N ASP B 793 -39.04 -15.34 0.93
CA ASP B 793 -39.95 -16.33 1.48
C ASP B 793 -41.19 -15.63 2.04
N SER B 794 -42.34 -16.31 1.90
CA SER B 794 -43.58 -15.86 2.52
C SER B 794 -44.39 -17.02 3.08
N SER B 795 -43.72 -18.14 3.41
CA SER B 795 -44.25 -19.30 4.12
C SER B 795 -45.26 -20.11 3.30
N PHE B 796 -45.61 -19.66 2.10
CA PHE B 796 -46.41 -20.45 1.18
C PHE B 796 -45.85 -20.48 -0.23
N VAL B 797 -44.90 -19.60 -0.55
CA VAL B 797 -44.08 -19.71 -1.75
C VAL B 797 -42.66 -19.31 -1.39
N LYS B 798 -41.69 -20.08 -1.86
CA LYS B 798 -40.28 -19.85 -1.53
C LYS B 798 -39.49 -19.69 -2.81
N ALA B 799 -38.55 -18.74 -2.79
CA ALA B 799 -37.63 -18.52 -3.89
C ALA B 799 -36.25 -18.24 -3.33
N GLY B 800 -35.22 -18.72 -4.02
CA GLY B 800 -33.85 -18.56 -3.54
C GLY B 800 -32.87 -18.43 -4.68
N LEU B 801 -31.69 -17.92 -4.33
CA LEU B 801 -30.59 -17.74 -5.28
C LEU B 801 -29.28 -17.80 -4.51
N GLU B 802 -28.46 -18.80 -4.82
CA GLU B 802 -27.18 -19.00 -4.14
C GLU B 802 -26.04 -18.91 -5.15
N THR B 803 -25.01 -18.14 -4.81
CA THR B 803 -23.85 -17.94 -5.68
C THR B 803 -22.61 -18.29 -4.86
N SER B 804 -22.13 -19.52 -4.99
CA SER B 804 -21.00 -20.01 -4.21
C SER B 804 -19.70 -19.87 -5.00
N THR B 805 -19.33 -18.61 -5.25
CA THR B 805 -18.10 -18.31 -5.97
C THR B 805 -16.89 -18.55 -5.08
N GLU B 806 -16.23 -19.70 -5.25
CA GLU B 806 -15.09 -20.07 -4.42
C GLU B 806 -13.81 -20.02 -5.23
N THR B 807 -12.75 -19.47 -4.62
CA THR B 807 -11.47 -19.30 -5.28
C THR B 807 -10.36 -19.71 -4.34
N GLU B 808 -9.40 -20.49 -4.83
CA GLU B 808 -8.20 -20.84 -4.07
C GLU B 808 -7.03 -19.97 -4.51
N ALA B 809 -6.02 -19.89 -3.65
CA ALA B 809 -4.84 -19.08 -3.93
C ALA B 809 -3.68 -19.59 -3.09
N GLY B 810 -2.48 -19.14 -3.44
CA GLY B 810 -1.28 -19.50 -2.71
C GLY B 810 -0.07 -18.68 -3.13
N LEU B 811 0.65 -18.13 -2.16
CA LEU B 811 1.82 -17.28 -2.41
C LEU B 811 2.96 -17.79 -1.52
N GLU B 812 3.77 -18.70 -2.05
CA GLU B 812 4.86 -19.31 -1.31
C GLU B 812 6.17 -18.66 -1.73
N PHE B 813 6.92 -18.13 -0.76
CA PHE B 813 8.24 -17.56 -0.99
C PHE B 813 9.32 -18.58 -0.63
N ILE B 814 10.32 -18.69 -1.49
CA ILE B 814 11.45 -19.58 -1.28
C ILE B 814 12.71 -18.74 -1.16
N SER B 815 13.45 -18.94 -0.07
CA SER B 815 14.70 -18.24 0.16
C SER B 815 15.86 -19.15 -0.27
N THR B 816 16.08 -19.19 -1.57
CA THR B 816 17.15 -20.02 -2.14
C THR B 816 18.48 -19.33 -1.88
N VAL B 817 19.18 -19.77 -0.84
CA VAL B 817 20.42 -19.14 -0.39
C VAL B 817 21.56 -20.16 -0.52
N GLN B 818 22.62 -19.78 -1.22
CA GLN B 818 23.83 -20.58 -1.32
C GLN B 818 24.94 -19.85 -0.58
N PHE B 819 25.54 -20.53 0.41
CA PHE B 819 26.55 -19.92 1.26
C PHE B 819 27.87 -20.68 1.22
N SER B 820 28.08 -21.51 0.20
CA SER B 820 29.35 -22.22 0.07
C SER B 820 30.49 -21.25 -0.25
N GLN B 821 30.23 -20.28 -1.11
CA GLN B 821 31.22 -19.27 -1.43
C GLN B 821 31.15 -18.11 -0.44
N TYR B 822 32.22 -17.32 -0.40
CA TYR B 822 32.27 -16.17 0.50
C TYR B 822 31.19 -15.11 0.23
N PRO B 823 30.88 -14.71 -1.02
CA PRO B 823 29.66 -13.92 -1.21
C PRO B 823 28.42 -14.74 -0.93
N PHE B 824 27.38 -14.04 -0.46
N PHE B 824 27.38 -14.04 -0.46
CA PHE B 824 26.11 -14.68 -0.11
CA PHE B 824 26.11 -14.68 -0.11
C PHE B 824 25.24 -14.72 -1.36
C PHE B 824 25.24 -14.72 -1.36
N LEU B 825 25.08 -15.92 -1.94
CA LEU B 825 24.25 -16.12 -3.12
C LEU B 825 22.81 -16.29 -2.66
N VAL B 826 22.18 -15.17 -2.34
CA VAL B 826 20.82 -15.14 -1.81
C VAL B 826 19.87 -14.85 -2.96
N CYS B 827 18.97 -15.79 -3.24
CA CYS B 827 17.96 -15.63 -4.27
C CYS B 827 16.59 -15.60 -3.62
N MET B 828 15.82 -14.57 -3.89
CA MET B 828 14.46 -14.49 -3.36
C MET B 828 13.47 -14.81 -4.45
N GLN B 829 12.50 -15.65 -4.15
CA GLN B 829 11.51 -16.03 -5.14
C GLN B 829 10.18 -16.37 -4.50
N MET B 830 9.13 -15.67 -4.91
CA MET B 830 7.80 -15.97 -4.40
C MET B 830 7.05 -16.72 -5.50
N ASP B 831 6.85 -18.02 -5.28
CA ASP B 831 6.25 -18.89 -6.29
C ASP B 831 4.77 -19.12 -5.97
N LYS B 832 3.92 -18.85 -6.95
CA LYS B 832 2.49 -19.12 -6.85
C LYS B 832 2.17 -20.38 -7.61
N ASP B 833 1.50 -21.32 -6.94
CA ASP B 833 1.08 -22.56 -7.57
C ASP B 833 -0.25 -22.37 -8.29
N GLU B 834 -0.60 -23.34 -9.13
CA GLU B 834 -1.87 -23.30 -9.84
C GLU B 834 -3.01 -23.61 -8.87
N ALA B 835 -4.05 -22.78 -8.92
CA ALA B 835 -5.21 -22.97 -8.05
C ALA B 835 -6.49 -22.92 -8.88
N PRO B 836 -7.42 -23.82 -8.63
CA PRO B 836 -8.68 -23.82 -9.39
C PRO B 836 -9.54 -22.60 -9.06
N PHE B 837 -10.33 -22.18 -10.04
CA PHE B 837 -11.29 -21.10 -9.89
C PHE B 837 -12.64 -21.60 -10.34
N ARG B 838 -13.64 -21.52 -9.47
CA ARG B 838 -14.95 -22.09 -9.72
C ARG B 838 -16.04 -21.08 -9.38
N GLN B 839 -17.16 -21.20 -10.08
CA GLN B 839 -18.35 -20.40 -9.82
C GLN B 839 -19.58 -21.31 -9.80
N PHE B 840 -20.58 -20.89 -9.04
CA PHE B 840 -21.83 -21.64 -8.92
C PHE B 840 -23.01 -20.70 -8.96
N GLU B 841 -24.17 -21.25 -9.31
CA GLU B 841 -25.42 -20.50 -9.27
C GLU B 841 -26.57 -21.49 -9.13
N LYS B 842 -27.43 -21.25 -8.15
CA LYS B 842 -28.59 -22.11 -7.89
C LYS B 842 -29.85 -21.26 -7.89
N LYS B 843 -30.96 -21.88 -8.29
CA LYS B 843 -32.23 -21.20 -8.44
C LYS B 843 -33.32 -22.03 -7.78
N TYR B 844 -34.19 -21.37 -7.02
CA TYR B 844 -35.29 -22.06 -6.34
C TYR B 844 -36.59 -21.33 -6.59
N GLU B 845 -37.66 -22.11 -6.74
CA GLU B 845 -39.04 -21.62 -6.75
C GLU B 845 -39.89 -22.71 -6.10
N ARG B 846 -40.09 -22.60 -4.80
CA ARG B 846 -40.83 -23.59 -4.04
C ARG B 846 -42.12 -22.99 -3.50
N LEU B 847 -42.96 -23.85 -2.93
CA LEU B 847 -44.21 -23.43 -2.32
C LEU B 847 -44.41 -24.14 -0.99
N SER B 848 -43.33 -24.28 -0.22
CA SER B 848 -43.30 -24.94 1.10
C SER B 848 -43.84 -26.37 1.05
N ARG B 851 -40.21 -31.02 -6.20
CA ARG B 851 -38.85 -30.69 -6.61
C ARG B 851 -38.68 -29.18 -6.72
N GLY B 852 -39.29 -28.60 -7.75
CA GLY B 852 -39.28 -27.16 -7.94
C GLY B 852 -38.43 -26.74 -9.12
N TYR B 853 -38.48 -25.44 -9.39
CA TYR B 853 -37.70 -24.83 -10.46
C TYR B 853 -36.24 -24.73 -10.03
N VAL B 854 -35.50 -25.83 -10.19
CA VAL B 854 -34.14 -25.95 -9.67
C VAL B 854 -33.18 -26.10 -10.85
N SER B 855 -32.12 -25.30 -10.85
CA SER B 855 -31.08 -25.40 -11.85
C SER B 855 -29.74 -25.06 -11.23
N GLN B 856 -28.67 -25.63 -11.80
CA GLN B 856 -27.32 -25.39 -11.34
C GLN B 856 -26.44 -25.02 -12.52
N LYS B 857 -25.68 -23.94 -12.39
CA LYS B 857 -24.71 -23.51 -13.38
C LYS B 857 -23.31 -23.62 -12.78
N ARG B 858 -22.39 -24.25 -13.50
CA ARG B 858 -21.04 -24.45 -13.02
C ARG B 858 -20.03 -23.99 -14.05
N LYS B 859 -18.98 -23.33 -13.58
CA LYS B 859 -17.84 -22.94 -14.38
C LYS B 859 -16.57 -23.32 -13.63
N GLU B 860 -15.49 -23.54 -14.39
CA GLU B 860 -14.23 -23.94 -13.78
C GLU B 860 -13.07 -23.43 -14.62
N SER B 861 -12.06 -22.89 -13.95
CA SER B 861 -10.87 -22.39 -14.60
C SER B 861 -9.67 -22.67 -13.72
N VAL B 862 -8.49 -22.74 -14.34
CA VAL B 862 -7.23 -22.96 -13.64
C VAL B 862 -6.35 -21.75 -13.86
N LEU B 863 -5.94 -21.10 -12.77
CA LEU B 863 -5.13 -19.90 -12.85
C LEU B 863 -3.66 -20.29 -12.86
N ALA B 864 -2.95 -19.90 -13.91
CA ALA B 864 -1.52 -20.18 -13.99
C ALA B 864 -0.75 -19.30 -13.03
N GLY B 865 0.24 -19.89 -12.36
CA GLY B 865 1.03 -19.20 -11.35
C GLY B 865 2.44 -18.96 -11.83
N CYS B 866 2.95 -17.77 -11.52
CA CYS B 866 4.29 -17.37 -11.93
C CYS B 866 5.09 -16.93 -10.71
N GLU B 867 6.40 -17.15 -10.76
CA GLU B 867 7.28 -16.71 -9.69
C GLU B 867 7.40 -15.19 -9.70
N PHE B 868 7.37 -14.59 -8.51
CA PHE B 868 7.57 -13.16 -8.42
C PHE B 868 9.04 -12.87 -8.68
N PRO B 869 9.34 -11.90 -9.55
CA PRO B 869 10.73 -11.65 -9.91
C PRO B 869 11.47 -10.73 -8.96
N LEU B 870 10.77 -10.13 -8.00
CA LEU B 870 11.42 -9.17 -7.10
C LEU B 870 12.05 -8.06 -7.94
N HIS B 871 13.36 -7.91 -7.84
CA HIS B 871 14.06 -6.90 -8.63
C HIS B 871 15.10 -7.56 -9.53
N GLN B 872 15.56 -6.86 -10.55
CA GLN B 872 16.49 -7.49 -11.48
C GLN B 872 17.82 -7.83 -10.84
N GLU B 873 18.20 -7.13 -9.76
CA GLU B 873 19.43 -7.46 -9.05
C GLU B 873 19.32 -8.83 -8.39
N ASN B 874 18.14 -9.17 -7.90
CA ASN B 874 17.95 -10.50 -7.34
C ASN B 874 17.87 -11.51 -8.47
N SER B 875 17.45 -11.07 -9.66
CA SER B 875 17.29 -11.99 -10.78
C SER B 875 18.62 -12.55 -11.27
N GLU B 876 19.71 -11.81 -11.07
CA GLU B 876 21.02 -12.30 -11.52
C GLU B 876 21.47 -13.51 -10.70
N MET B 877 21.24 -13.47 -9.38
CA MET B 877 21.61 -14.61 -8.54
C MET B 877 20.65 -15.78 -8.74
N CYS B 878 19.38 -15.50 -9.01
CA CYS B 878 18.40 -16.56 -9.21
C CYS B 878 18.55 -17.27 -10.55
N LYS B 879 19.15 -16.61 -11.54
CA LYS B 879 19.31 -17.24 -12.85
C LYS B 879 20.36 -18.35 -12.84
N VAL B 880 21.15 -18.46 -11.77
CA VAL B 880 22.00 -19.63 -11.58
C VAL B 880 21.14 -20.86 -11.38
N VAL B 881 20.03 -20.72 -10.64
CA VAL B 881 19.08 -21.82 -10.48
C VAL B 881 18.38 -22.11 -11.79
N PHE B 882 17.98 -21.07 -12.52
CA PHE B 882 17.32 -21.24 -13.81
C PHE B 882 18.32 -21.72 -14.87
#